data_9IPE
#
_entry.id   9IPE
#
_cell.length_a   1.00
_cell.length_b   1.00
_cell.length_c   1.00
_cell.angle_alpha   90.00
_cell.angle_beta   90.00
_cell.angle_gamma   90.00
#
_symmetry.space_group_name_H-M   'P 1'
#
loop_
_entity.id
_entity.type
_entity.pdbx_description
1 polymer 'Epidermal growth factor receptor'
2 polymer 'LH-type bispecific diabody Ex3'
3 polymer 'T-cell surface glycoprotein CD3 gamma chain,T-cell surface glycoprotein CD3 epsilon chain'
#
loop_
_entity_poly.entity_id
_entity_poly.type
_entity_poly.pdbx_seq_one_letter_code
_entity_poly.pdbx_strand_id
1 'polypeptide(L)'
;LEEKKVCQGTSNKLTQLGTFEDHFLSLQRMFNNCEVVLGNLEITYVQRNYDLSFLKTIQEVAGYVLIALNTVERIPLENL
QIIRGNMYYENSYALAVLSNYDANKTGLKELPMRNLQEILHGAVRFSNNPALCNVESIQWRDIVSSDFLSNMSMDFQNHL
GSCQKCDPSCPNGSCWGAGEENCQKLTKIICAQQCSGRCRGKSPSDCCHNQCAAGCTGPRESDCLVCRKFRDEATCKDTC
PPLMLYNPTTYQMDVNPEGKYSFGATCVKKCPRNYVVTDHGSCVRACGADSYEMEEDGVRKCKKCEGPCRKVCNGIGIGE
FKDSLSINATNIKHFKNCTSISGDLHILPVAFRGDSFTHTPPLDPQELDILKTVKEITGFLLIQAWPENRTDLHAFENLE
IIRGRTKQHGQFSLAVVSLNITSLGLRSLKEISDGDVIISGNKNLCYANTINWKKLFGTSGQKTKIISNRGENSCKATGQ
VCHALCSPEGCWGPEPRDCVSCRNVSRGRECVDKCNLLEGEPREFVENSECIQCHPECLPQAMNITCTGRGPDNCIQCAH
YIDGPHCVKTCPAGVMGENNTLVWKYADAGHVCHLCHPNCTYGCTGPGLEGCPTNGPKIPSHHHHHH
;
A
2 'polypeptide(L)'
;MAFAADIQMTQSPSSLSASVGDRVTITCSASSSVSYMNWYQQTPGKAPKRWIYDTSKLASGVPSRFSGSGSGTDYTFTIS
SLQPEDIATYYCQQWSSNPFTFGQGTKLQITSGGGGQVQLVQSGAEVKKPGASVKVSCKASGYTFTSYWMHWVRQAPGQG
LEWMGNIWPGSGGTNYAEKFKNRVTMTRDTSISTAYMELSRLRSDDTAVYYCARSGGPYFFDYWGQGTLVTVSSGGGGSG
GGGSGGGGSGGGGSDIVMTQSPLSLPVTPGEPASISCRSSQNIVHNNGITYLEWYLQKPGQSPQLLIYKVSDRFSGVPDR
FSGSGSGTDFTLKISRVEAEDVGVYYCFQGSHIPPTFGQGTKVEIKSGGGGQVQLVQSGGGVVQPGRSLRLSCKASGYTF
TRYTMHWVRQAPGKGLEWIGYINPSRGYTNYNQKVKDRFTISRDNSKNTAFLQMDSLRPEDTGVYFCARYYDDHYSLDYW
GQGTPVTVSSAAAAEQKLISEEDLNLGGGMRGSHHHHHH
;
B
3 'polypeptide(L)'
;MQSIKGNHLVKVYDYQEDGSVLLTCDAEAKNITWFKDGKMIGFLTEDKKKWNLGSNAKDPRGMYQCKGSQNKSKPLQVYY
RMGSADDAKKDAAKKDDAKKDDAKKDGSDGNEEMGGITQTPYKVSISGTTVILTCPQYPGSEILWQHNDKNIGGDEDDKN
IGSDEDHLSLKEFSELEQSGYYVCYPRGSKPEDANFYLYLRARV
;
C
#
# COMPACT_ATOMS: atom_id res chain seq x y z
N LYS A 4 31.97 -10.59 -55.59
CA LYS A 4 30.60 -10.12 -55.59
C LYS A 4 30.30 -9.33 -54.32
N LYS A 5 29.87 -8.08 -54.49
CA LYS A 5 29.55 -7.24 -53.35
C LYS A 5 28.41 -7.86 -52.55
N VAL A 6 28.49 -7.72 -51.23
CA VAL A 6 27.51 -8.30 -50.32
C VAL A 6 26.92 -7.20 -49.44
N CYS A 7 25.61 -7.26 -49.28
CA CYS A 7 24.88 -6.30 -48.46
C CYS A 7 23.94 -7.04 -47.53
N GLN A 8 23.91 -6.61 -46.28
CA GLN A 8 23.10 -7.27 -45.26
C GLN A 8 21.61 -7.14 -45.56
N THR A 19 6.66 5.11 -44.64
CA THR A 19 6.19 5.83 -45.82
C THR A 19 6.56 5.08 -47.10
N PHE A 20 5.68 5.14 -48.10
CA PHE A 20 5.90 4.43 -49.34
C PHE A 20 7.18 4.90 -50.03
N GLU A 21 7.33 6.21 -50.20
CA GLU A 21 8.55 6.73 -50.80
C GLU A 21 9.76 6.42 -49.93
N ASP A 22 9.59 6.49 -48.61
CA ASP A 22 10.68 6.16 -47.70
C ASP A 22 11.07 4.69 -47.83
N HIS A 23 10.09 3.79 -47.93
CA HIS A 23 10.38 2.38 -48.13
C HIS A 23 11.13 2.17 -49.44
N PHE A 24 10.68 2.84 -50.52
CA PHE A 24 11.36 2.72 -51.79
C PHE A 24 12.81 3.18 -51.70
N LEU A 25 13.04 4.32 -51.04
CA LEU A 25 14.39 4.83 -50.90
C LEU A 25 15.27 3.88 -50.08
N SER A 26 14.74 3.40 -48.95
CA SER A 26 15.52 2.51 -48.10
C SER A 26 15.87 1.22 -48.82
N LEU A 27 14.90 0.63 -49.52
CA LEU A 27 15.16 -0.62 -50.25
C LEU A 27 16.16 -0.40 -51.38
N GLN A 28 15.97 0.66 -52.17
CA GLN A 28 16.91 0.94 -53.25
C GLN A 28 18.30 1.25 -52.73
N ARG A 29 18.40 1.74 -51.48
CA ARG A 29 19.71 2.01 -50.92
C ARG A 29 20.37 0.73 -50.41
N MET A 30 19.61 -0.11 -49.71
CA MET A 30 20.19 -1.30 -49.09
C MET A 30 20.27 -2.50 -50.02
N PHE A 31 19.73 -2.39 -51.23
CA PHE A 31 19.86 -3.44 -52.23
C PHE A 31 20.20 -2.92 -53.62
N ASN A 32 20.98 -1.86 -53.72
CA ASN A 32 21.25 -1.29 -55.04
C ASN A 32 22.17 -2.17 -55.86
N ASN A 33 23.41 -2.36 -55.39
CA ASN A 33 24.38 -3.17 -56.10
C ASN A 33 24.55 -4.55 -55.51
N CYS A 34 23.76 -4.92 -54.51
CA CYS A 34 23.94 -6.20 -53.84
C CYS A 34 23.80 -7.36 -54.82
N GLU A 35 24.78 -8.25 -54.79
CA GLU A 35 24.77 -9.46 -55.60
C GLU A 35 24.40 -10.70 -54.81
N VAL A 36 24.89 -10.83 -53.58
CA VAL A 36 24.46 -11.87 -52.66
C VAL A 36 24.04 -11.19 -51.37
N VAL A 37 22.76 -11.23 -51.05
CA VAL A 37 22.22 -10.62 -49.85
C VAL A 37 22.30 -11.65 -48.74
N LEU A 38 23.31 -11.52 -47.88
CA LEU A 38 23.46 -12.46 -46.76
C LEU A 38 22.29 -12.40 -45.80
N GLY A 39 21.61 -11.27 -45.71
CA GLY A 39 20.42 -11.16 -44.90
C GLY A 39 19.20 -11.73 -45.60
N ASN A 40 18.05 -11.10 -45.45
CA ASN A 40 16.82 -11.56 -46.08
C ASN A 40 16.25 -10.43 -46.93
N LEU A 41 16.01 -10.70 -48.20
CA LEU A 41 15.44 -9.71 -49.11
C LEU A 41 14.03 -9.39 -48.62
N GLU A 42 13.78 -8.12 -48.30
CA GLU A 42 12.48 -7.66 -47.85
C GLU A 42 11.97 -6.61 -48.81
N ILE A 43 11.23 -7.03 -49.81
CA ILE A 43 10.63 -6.11 -50.78
C ILE A 43 9.13 -6.11 -50.49
N THR A 44 8.70 -5.20 -49.61
CA THR A 44 7.32 -5.10 -49.17
C THR A 44 6.94 -3.64 -49.03
N TYR A 45 5.66 -3.36 -49.27
CA TYR A 45 5.10 -2.01 -49.17
C TYR A 45 5.84 -1.04 -50.10
N VAL A 46 5.72 -1.33 -51.40
CA VAL A 46 6.22 -0.48 -52.45
C VAL A 46 5.03 0.01 -53.27
N GLN A 47 4.77 1.31 -53.21
CA GLN A 47 3.61 1.90 -53.86
C GLN A 47 3.79 1.90 -55.37
N ARG A 48 2.70 2.19 -56.08
CA ARG A 48 2.71 2.14 -57.53
C ARG A 48 3.66 3.18 -58.11
N ASN A 49 4.42 2.78 -59.13
CA ASN A 49 5.33 3.66 -59.86
C ASN A 49 6.30 4.37 -58.92
N TYR A 50 6.90 3.61 -58.00
CA TYR A 50 7.80 4.17 -57.01
C TYR A 50 9.22 3.65 -57.09
N ASP A 51 9.50 2.67 -57.95
CA ASP A 51 10.85 2.15 -58.09
C ASP A 51 11.08 1.68 -59.53
N LEU A 52 12.35 1.50 -59.89
CA LEU A 52 12.71 0.99 -61.21
C LEU A 52 14.02 0.21 -61.06
N SER A 53 13.89 -1.11 -60.97
CA SER A 53 15.05 -2.01 -60.86
C SER A 53 15.94 -1.64 -59.68
N PHE A 54 15.33 -1.27 -58.55
CA PHE A 54 16.09 -0.94 -57.36
C PHE A 54 16.93 -2.10 -56.86
N LEU A 55 16.58 -3.32 -57.24
CA LEU A 55 17.36 -4.51 -56.88
C LEU A 55 17.13 -5.53 -57.98
N LYS A 56 18.06 -5.58 -58.94
CA LYS A 56 17.87 -6.42 -60.12
C LYS A 56 18.99 -7.44 -60.25
N THR A 57 20.15 -7.14 -59.67
CA THR A 57 21.31 -8.00 -59.83
C THR A 57 21.50 -8.99 -58.68
N ILE A 58 20.67 -8.90 -57.63
CA ILE A 58 20.79 -9.83 -56.50
C ILE A 58 20.70 -11.25 -57.01
N GLN A 59 21.78 -12.02 -56.79
CA GLN A 59 21.89 -13.35 -57.39
C GLN A 59 21.79 -14.49 -56.40
N GLU A 60 21.90 -14.23 -55.10
CA GLU A 60 21.65 -15.25 -54.09
C GLU A 60 21.35 -14.56 -52.77
N VAL A 61 20.15 -14.78 -52.25
CA VAL A 61 19.72 -14.17 -51.01
C VAL A 61 19.76 -15.25 -49.94
N ALA A 62 20.51 -14.99 -48.87
CA ALA A 62 20.71 -15.98 -47.81
C ALA A 62 19.70 -15.74 -46.69
N GLY A 63 18.46 -16.13 -46.98
CA GLY A 63 17.38 -15.96 -46.03
C GLY A 63 16.01 -16.12 -46.65
N TYR A 64 15.12 -15.19 -46.37
CA TYR A 64 13.77 -15.22 -46.92
C TYR A 64 13.56 -14.04 -47.84
N VAL A 65 13.10 -14.32 -49.06
CA VAL A 65 12.69 -13.29 -50.00
C VAL A 65 11.22 -13.05 -49.77
N LEU A 66 10.88 -11.93 -49.12
CA LEU A 66 9.51 -11.59 -48.76
C LEU A 66 9.01 -10.55 -49.76
N ILE A 67 8.25 -11.01 -50.75
CA ILE A 67 7.68 -10.12 -51.76
C ILE A 67 6.19 -9.99 -51.49
N ALA A 68 5.81 -8.98 -50.71
CA ALA A 68 4.43 -8.77 -50.28
C ALA A 68 4.07 -7.30 -50.44
N LEU A 69 2.77 -7.02 -50.41
CA LEU A 69 2.24 -5.64 -50.50
C LEU A 69 2.88 -4.88 -51.67
N ASN A 70 3.14 -5.60 -52.75
CA ASN A 70 3.88 -5.06 -53.89
C ASN A 70 2.89 -4.46 -54.88
N THR A 71 2.67 -3.15 -54.76
CA THR A 71 1.79 -2.46 -55.70
C THR A 71 2.45 -2.21 -57.04
N VAL A 72 3.79 -2.12 -57.09
CA VAL A 72 4.46 -1.91 -58.36
C VAL A 72 4.20 -3.10 -59.29
N GLU A 73 4.18 -2.81 -60.59
CA GLU A 73 3.89 -3.85 -61.57
C GLU A 73 5.01 -4.87 -61.66
N ARG A 74 6.27 -4.43 -61.62
CA ARG A 74 7.38 -5.34 -61.79
C ARG A 74 8.53 -4.94 -60.88
N ILE A 75 8.71 -5.70 -59.80
CA ILE A 75 9.97 -5.72 -59.06
C ILE A 75 10.82 -6.82 -59.68
N PRO A 76 11.93 -6.49 -60.34
CA PRO A 76 12.52 -7.44 -61.29
C PRO A 76 12.95 -8.76 -60.67
N LEU A 77 13.88 -8.71 -59.71
CA LEU A 77 14.52 -9.90 -59.15
C LEU A 77 14.77 -10.95 -60.22
N GLU A 78 15.41 -10.51 -61.31
CA GLU A 78 15.69 -11.40 -62.43
C GLU A 78 17.01 -12.13 -62.27
N ASN A 79 17.76 -11.84 -61.22
CA ASN A 79 19.07 -12.44 -61.03
C ASN A 79 19.06 -13.56 -59.98
N LEU A 80 18.29 -13.43 -58.90
CA LEU A 80 18.31 -14.39 -57.80
C LEU A 80 18.20 -15.82 -58.30
N GLN A 81 19.23 -16.61 -58.07
CA GLN A 81 19.28 -18.00 -58.53
C GLN A 81 19.10 -18.98 -57.39
N ILE A 82 19.63 -18.68 -56.21
CA ILE A 82 19.44 -19.56 -55.06
C ILE A 82 19.08 -18.69 -53.87
N ILE A 83 17.91 -18.97 -53.30
CA ILE A 83 17.47 -18.39 -52.04
C ILE A 83 17.85 -19.40 -50.97
N ARG A 84 18.84 -19.05 -50.14
CA ARG A 84 19.49 -20.04 -49.31
C ARG A 84 18.52 -20.71 -48.36
N GLY A 85 17.96 -19.95 -47.43
CA GLY A 85 17.07 -20.52 -46.44
C GLY A 85 17.66 -20.67 -45.06
N ASN A 86 18.49 -19.72 -44.63
CA ASN A 86 18.99 -19.77 -43.26
C ASN A 86 17.94 -19.27 -42.27
N MET A 87 16.72 -19.07 -42.73
CA MET A 87 15.58 -18.68 -41.91
C MET A 87 14.31 -19.20 -42.57
N TYR A 88 13.17 -18.63 -42.19
CA TYR A 88 11.92 -18.81 -42.90
C TYR A 88 10.99 -17.66 -42.54
N TYR A 89 9.93 -17.47 -43.34
CA TYR A 89 8.99 -16.41 -43.05
C TYR A 89 8.33 -16.62 -41.69
N GLU A 90 7.55 -17.69 -41.55
CA GLU A 90 7.11 -18.18 -40.25
C GLU A 90 7.59 -19.60 -40.02
N ASN A 91 7.39 -20.50 -40.98
CA ASN A 91 7.90 -21.86 -40.88
C ASN A 91 8.03 -22.41 -42.30
N SER A 92 9.26 -22.75 -42.70
CA SER A 92 9.53 -23.38 -43.99
C SER A 92 9.09 -22.50 -45.16
N TYR A 93 8.91 -21.21 -44.88
CA TYR A 93 8.45 -20.26 -45.89
C TYR A 93 9.63 -19.33 -46.21
N ALA A 94 10.20 -19.49 -47.41
CA ALA A 94 11.35 -18.70 -47.84
C ALA A 94 10.97 -17.61 -48.84
N LEU A 95 10.31 -17.99 -49.93
CA LEU A 95 9.79 -17.03 -50.90
C LEU A 95 8.35 -16.73 -50.51
N ALA A 96 8.12 -15.54 -49.97
CA ALA A 96 6.80 -15.11 -49.53
C ALA A 96 6.25 -14.14 -50.56
N VAL A 97 5.56 -14.68 -51.56
CA VAL A 97 4.93 -13.88 -52.60
C VAL A 97 3.43 -13.91 -52.34
N LEU A 98 2.94 -12.92 -51.61
CA LEU A 98 1.54 -12.87 -51.21
C LEU A 98 1.12 -11.43 -50.97
N SER A 99 -0.16 -11.17 -51.15
CA SER A 99 -0.76 -9.85 -50.96
C SER A 99 -0.17 -8.80 -51.89
N ASN A 100 0.06 -9.14 -53.15
CA ASN A 100 0.61 -8.18 -54.10
C ASN A 100 -0.35 -7.96 -55.27
N LEU A 108 1.02 -6.43 -57.94
CA LEU A 108 2.17 -6.84 -58.75
C LEU A 108 1.74 -7.70 -59.92
N LYS A 109 2.07 -7.26 -61.14
CA LYS A 109 1.65 -7.94 -62.35
C LYS A 109 2.65 -9.00 -62.82
N GLU A 110 3.93 -8.63 -62.93
CA GLU A 110 4.96 -9.53 -63.39
C GLU A 110 6.16 -9.45 -62.46
N LEU A 111 6.69 -10.62 -62.09
CA LEU A 111 7.94 -10.73 -61.33
C LEU A 111 8.81 -11.71 -62.09
N PRO A 112 9.88 -11.24 -62.72
CA PRO A 112 10.67 -12.18 -63.53
C PRO A 112 11.68 -12.98 -62.70
N MET A 113 11.19 -13.99 -62.00
CA MET A 113 12.05 -14.91 -61.27
C MET A 113 12.39 -16.11 -62.14
N ARG A 114 12.93 -15.80 -63.32
CA ARG A 114 13.39 -16.86 -64.23
C ARG A 114 14.71 -17.42 -63.75
N ASN A 115 15.46 -16.64 -62.98
CA ASN A 115 16.75 -17.09 -62.45
C ASN A 115 16.61 -18.05 -61.28
N LEU A 116 15.62 -17.88 -60.41
CA LEU A 116 15.53 -18.70 -59.20
C LEU A 116 15.30 -20.14 -59.60
N GLN A 117 16.33 -20.96 -59.48
CA GLN A 117 16.25 -22.36 -59.78
C GLN A 117 16.17 -23.25 -58.55
N GLU A 118 16.77 -22.84 -57.43
CA GLU A 118 16.77 -23.67 -56.24
C GLU A 118 16.65 -22.82 -55.00
N ILE A 119 15.59 -23.06 -54.21
CA ILE A 119 15.47 -22.54 -52.86
C ILE A 119 15.82 -23.69 -51.93
N LEU A 120 16.99 -23.62 -51.31
CA LEU A 120 17.59 -24.79 -50.67
C LEU A 120 16.75 -25.28 -49.49
N HIS A 121 16.40 -24.37 -48.59
CA HIS A 121 15.65 -24.71 -47.38
C HIS A 121 14.42 -23.82 -47.27
N GLY A 122 13.25 -24.43 -47.32
CA GLY A 122 11.98 -23.72 -47.20
C GLY A 122 11.00 -24.11 -48.28
N ALA A 123 9.98 -23.27 -48.43
CA ALA A 123 8.97 -23.45 -49.46
C ALA A 123 8.36 -22.11 -49.81
N VAL A 124 7.54 -22.11 -50.86
CA VAL A 124 7.01 -20.88 -51.45
C VAL A 124 5.52 -20.80 -51.18
N ARG A 125 5.07 -19.64 -50.72
CA ARG A 125 3.66 -19.39 -50.44
C ARG A 125 3.15 -18.27 -51.33
N PHE A 126 2.15 -18.57 -52.14
CA PHE A 126 1.55 -17.61 -53.07
C PHE A 126 0.06 -17.52 -52.81
N SER A 127 -0.44 -16.29 -52.66
CA SER A 127 -1.84 -16.04 -52.39
C SER A 127 -2.10 -14.55 -52.40
N ASN A 128 -3.38 -14.17 -52.36
CA ASN A 128 -3.80 -12.78 -52.16
C ASN A 128 -3.20 -11.84 -53.21
N ASN A 129 -2.93 -12.38 -54.38
CA ASN A 129 -2.27 -11.63 -55.46
C ASN A 129 -3.12 -11.75 -56.72
N PRO A 130 -4.24 -11.00 -56.78
CA PRO A 130 -5.04 -11.02 -58.01
C PRO A 130 -4.27 -10.54 -59.23
N ALA A 131 -3.32 -9.64 -59.05
CA ALA A 131 -2.55 -9.11 -60.18
C ALA A 131 -1.44 -10.03 -60.63
N LEU A 132 -1.09 -11.04 -59.84
CA LEU A 132 0.00 -11.94 -60.19
C LEU A 132 -0.29 -12.64 -61.50
N CYS A 133 0.54 -12.38 -62.50
CA CYS A 133 0.36 -12.95 -63.83
C CYS A 133 1.53 -13.85 -64.18
N ASN A 134 1.23 -14.95 -64.87
CA ASN A 134 2.17 -15.92 -65.41
C ASN A 134 2.97 -16.65 -64.35
N VAL A 135 2.66 -16.46 -63.06
CA VAL A 135 3.41 -17.13 -62.00
C VAL A 135 2.89 -18.54 -61.71
N GLU A 136 1.60 -18.80 -61.94
CA GLU A 136 1.06 -20.13 -61.66
C GLU A 136 1.64 -21.21 -62.54
N SER A 137 2.05 -20.87 -63.77
CA SER A 137 2.58 -21.83 -64.70
C SER A 137 4.00 -22.26 -64.39
N ILE A 138 4.61 -21.67 -63.35
CA ILE A 138 5.97 -22.02 -62.98
C ILE A 138 6.02 -23.47 -62.49
N GLN A 139 6.99 -24.23 -62.99
CA GLN A 139 7.19 -25.59 -62.54
C GLN A 139 7.93 -25.59 -61.21
N TRP A 140 7.25 -25.14 -60.15
CA TRP A 140 7.88 -24.90 -58.87
C TRP A 140 8.40 -26.17 -58.19
N ARG A 141 8.23 -27.34 -58.82
CA ARG A 141 8.76 -28.56 -58.25
C ARG A 141 10.29 -28.50 -58.17
N ASP A 142 10.94 -27.96 -59.20
CA ASP A 142 12.39 -27.90 -59.20
C ASP A 142 12.90 -26.81 -58.25
N ILE A 143 12.06 -25.82 -57.96
CA ILE A 143 12.53 -24.66 -57.20
C ILE A 143 12.83 -25.07 -55.76
N VAL A 144 11.81 -25.53 -55.04
CA VAL A 144 11.99 -25.97 -53.66
C VAL A 144 12.35 -27.44 -53.67
N SER A 145 13.03 -27.90 -52.61
CA SER A 145 13.52 -29.27 -52.53
C SER A 145 13.16 -29.86 -51.17
N SER A 146 12.38 -30.94 -51.18
CA SER A 146 12.13 -31.82 -50.03
C SER A 146 11.45 -31.12 -48.87
N ASP A 147 11.03 -29.87 -49.04
CA ASP A 147 10.32 -29.14 -48.00
C ASP A 147 8.94 -28.71 -48.49
N PHE A 148 8.31 -29.58 -49.29
CA PHE A 148 7.01 -29.28 -49.88
C PHE A 148 5.89 -29.21 -48.84
N LEU A 149 6.22 -29.33 -47.55
CA LEU A 149 5.19 -29.40 -46.51
C LEU A 149 4.32 -28.15 -46.48
N SER A 150 4.90 -26.98 -46.71
CA SER A 150 4.17 -25.72 -46.62
C SER A 150 4.17 -25.00 -47.97
N ASN A 151 4.20 -25.77 -49.05
CA ASN A 151 4.24 -25.23 -50.40
C ASN A 151 2.83 -24.74 -50.75
N MET A 152 2.45 -23.62 -50.16
CA MET A 152 1.11 -23.06 -50.33
C MET A 152 1.04 -22.27 -51.65
N SER A 153 1.33 -22.99 -52.73
CA SER A 153 1.29 -22.40 -54.07
C SER A 153 -0.13 -22.43 -54.63
N MET A 154 -0.98 -21.58 -54.05
CA MET A 154 -2.37 -21.45 -54.47
C MET A 154 -2.76 -19.98 -54.43
N ASP A 155 -2.74 -19.33 -55.59
CA ASP A 155 -3.07 -17.92 -55.68
C ASP A 155 -4.07 -17.67 -56.82
N GLY A 173 4.46 -24.86 -69.90
CA GLY A 173 4.13 -23.62 -69.22
C GLY A 173 5.27 -23.10 -68.38
N SER A 174 6.48 -23.64 -68.61
CA SER A 174 7.65 -23.29 -67.81
C SER A 174 8.06 -21.87 -68.15
N CYS A 175 7.57 -20.91 -67.36
CA CYS A 175 7.86 -19.51 -67.58
C CYS A 175 7.55 -18.73 -66.31
N TRP A 176 8.53 -17.94 -65.85
CA TRP A 176 8.36 -17.08 -64.69
C TRP A 176 7.94 -15.67 -65.06
N GLY A 177 7.27 -15.49 -66.18
CA GLY A 177 6.79 -14.20 -66.62
C GLY A 177 7.56 -13.68 -67.83
N ALA A 178 7.39 -12.39 -68.08
CA ALA A 178 8.14 -11.66 -69.11
C ALA A 178 8.06 -12.36 -70.47
N GLY A 179 6.90 -12.95 -70.76
CA GLY A 179 6.72 -13.62 -72.04
C GLY A 179 7.71 -14.76 -72.22
N GLU A 180 8.30 -14.83 -73.40
CA GLU A 180 9.28 -15.88 -73.71
C GLU A 180 10.68 -15.42 -73.32
N GLU A 181 11.59 -16.40 -73.28
CA GLU A 181 13.00 -16.25 -72.93
C GLU A 181 13.17 -16.00 -71.44
N ASN A 182 12.07 -15.75 -70.73
CA ASN A 182 12.04 -15.86 -69.28
C ASN A 182 11.30 -17.14 -68.88
N CYS A 183 11.86 -18.27 -69.29
CA CYS A 183 11.27 -19.56 -68.98
C CYS A 183 11.64 -19.99 -67.56
N GLN A 184 10.90 -20.97 -67.05
CA GLN A 184 11.22 -21.50 -65.73
C GLN A 184 12.55 -22.23 -65.71
N LYS A 185 13.00 -22.73 -66.86
CA LYS A 185 14.30 -23.38 -67.00
C LYS A 185 14.46 -24.50 -65.98
N LEU A 186 13.61 -25.52 -66.07
CA LEU A 186 13.64 -26.62 -65.10
C LEU A 186 15.01 -27.30 -65.12
N THR A 187 15.56 -27.51 -63.92
CA THR A 187 16.84 -28.18 -63.78
C THR A 187 16.84 -29.32 -62.77
N LYS A 188 15.98 -29.29 -61.76
CA LYS A 188 15.90 -30.37 -60.78
C LYS A 188 14.87 -31.44 -61.13
N ILE A 189 14.08 -31.21 -62.18
CA ILE A 189 13.07 -32.17 -62.57
C ILE A 189 12.82 -32.10 -64.07
N ASN A 210 27.78 -33.34 -56.44
CA ASN A 210 26.85 -33.12 -55.35
C ASN A 210 27.23 -31.88 -54.54
N GLN A 211 28.20 -31.13 -55.06
CA GLN A 211 28.59 -29.86 -54.47
C GLN A 211 28.10 -28.68 -55.29
N CYS A 212 27.23 -28.92 -56.27
CA CYS A 212 26.64 -27.85 -57.08
C CYS A 212 25.16 -27.74 -56.75
N ALA A 213 24.73 -26.53 -56.41
CA ALA A 213 23.35 -26.32 -55.96
C ALA A 213 22.41 -25.90 -57.08
N ALA A 214 22.68 -24.76 -57.71
CA ALA A 214 21.76 -24.21 -58.69
C ALA A 214 21.73 -25.06 -59.95
N GLY A 215 22.85 -25.14 -60.65
CA GLY A 215 22.94 -25.93 -61.86
C GLY A 215 24.38 -26.26 -62.17
N CYS A 216 24.58 -26.94 -63.29
CA CYS A 216 25.89 -27.39 -63.69
C CYS A 216 26.33 -26.69 -64.97
N THR A 217 27.54 -26.14 -64.93
CA THR A 217 28.22 -25.62 -66.10
C THR A 217 29.14 -26.70 -66.66
N GLY A 218 28.69 -27.94 -66.55
CA GLY A 218 29.53 -29.10 -66.75
C GLY A 218 29.69 -29.84 -65.44
N PRO A 219 29.72 -31.16 -65.49
CA PRO A 219 29.78 -31.97 -64.27
C PRO A 219 31.12 -31.89 -63.54
N ARG A 220 31.52 -30.66 -63.21
CA ARG A 220 32.79 -30.40 -62.55
C ARG A 220 32.55 -29.56 -61.30
N GLU A 221 33.09 -30.00 -60.17
CA GLU A 221 32.92 -29.28 -58.92
C GLU A 221 33.63 -27.94 -58.91
N SER A 222 34.51 -27.67 -59.90
CA SER A 222 35.12 -26.36 -60.02
C SER A 222 34.26 -25.38 -60.80
N ASP A 223 33.21 -25.86 -61.48
CA ASP A 223 32.35 -25.01 -62.30
C ASP A 223 30.90 -25.26 -61.90
N CYS A 224 30.39 -24.44 -60.99
CA CYS A 224 29.01 -24.52 -60.56
C CYS A 224 28.46 -23.12 -60.39
N LEU A 225 27.15 -22.97 -60.60
CA LEU A 225 26.53 -21.66 -60.53
C LEU A 225 26.66 -21.07 -59.13
N VAL A 226 26.03 -21.69 -58.14
CA VAL A 226 26.08 -21.24 -56.76
C VAL A 226 26.42 -22.43 -55.88
N CYS A 227 27.32 -22.22 -54.93
CA CYS A 227 27.81 -23.32 -54.11
C CYS A 227 26.73 -23.80 -53.15
N ARG A 228 26.61 -25.12 -53.04
CA ARG A 228 25.60 -25.70 -52.14
C ARG A 228 25.91 -25.37 -50.69
N LYS A 229 27.16 -25.48 -50.28
CA LYS A 229 27.56 -25.25 -48.90
C LYS A 229 28.50 -24.07 -48.75
N PHE A 230 29.62 -24.08 -49.47
CA PHE A 230 30.58 -23.00 -49.41
C PHE A 230 31.56 -23.16 -50.58
N ARG A 231 32.26 -22.08 -50.90
CA ARG A 231 33.21 -22.07 -52.02
C ARG A 231 34.52 -21.46 -51.55
N ASP A 232 35.62 -22.19 -51.69
CA ASP A 232 36.92 -21.64 -51.34
C ASP A 232 37.31 -20.49 -52.26
N GLU A 233 37.63 -20.80 -53.51
CA GLU A 233 37.79 -19.75 -54.51
C GLU A 233 37.10 -20.07 -55.83
N ALA A 234 37.19 -21.29 -56.29
CA ALA A 234 36.56 -21.70 -57.55
C ALA A 234 35.78 -22.99 -57.43
N THR A 235 36.26 -23.95 -56.64
CA THR A 235 35.57 -25.20 -56.43
C THR A 235 34.75 -25.13 -55.16
N CYS A 236 33.51 -25.57 -55.25
CA CYS A 236 32.56 -25.51 -54.14
C CYS A 236 32.78 -26.73 -53.25
N LYS A 237 33.23 -26.49 -52.02
CA LYS A 237 33.52 -27.54 -51.08
C LYS A 237 32.33 -27.73 -50.13
N ASP A 238 32.19 -28.94 -49.61
CA ASP A 238 31.14 -29.21 -48.64
C ASP A 238 31.41 -28.54 -47.31
N THR A 239 32.60 -27.98 -47.13
CA THR A 239 32.93 -27.27 -45.90
C THR A 239 34.08 -26.31 -46.18
N CYS A 240 34.34 -25.45 -45.20
CA CYS A 240 35.39 -24.46 -45.34
C CYS A 240 36.76 -25.14 -45.27
N PRO A 241 37.80 -24.47 -45.75
CA PRO A 241 39.16 -24.94 -45.48
C PRO A 241 39.43 -24.93 -44.00
N PRO A 242 39.66 -26.09 -43.39
CA PRO A 242 39.57 -26.20 -41.93
C PRO A 242 40.50 -25.23 -41.22
N LEU A 243 39.99 -24.61 -40.15
CA LEU A 243 40.77 -23.60 -39.44
C LEU A 243 42.02 -24.19 -38.82
N MET A 244 41.90 -25.36 -38.21
CA MET A 244 43.03 -26.04 -37.60
C MET A 244 43.06 -27.50 -38.04
N LEU A 245 44.23 -27.96 -38.45
CA LEU A 245 44.42 -29.36 -38.86
C LEU A 245 45.26 -30.08 -37.82
N TYR A 246 45.05 -31.38 -37.70
CA TYR A 246 45.75 -32.20 -36.72
C TYR A 246 47.05 -32.71 -37.32
N ASN A 247 48.16 -32.42 -36.64
CA ASN A 247 49.47 -32.85 -37.08
C ASN A 247 49.93 -34.04 -36.23
N PRO A 248 50.13 -35.21 -36.83
CA PRO A 248 50.58 -36.36 -36.04
C PRO A 248 51.93 -36.14 -35.36
N THR A 249 52.78 -35.27 -35.92
CA THR A 249 54.06 -34.98 -35.29
C THR A 249 53.85 -34.36 -33.91
N THR A 250 53.04 -33.30 -33.84
CA THR A 250 52.67 -32.73 -32.55
C THR A 250 51.56 -33.50 -31.87
N TYR A 251 50.94 -34.45 -32.57
CA TYR A 251 49.83 -35.25 -32.04
C TYR A 251 48.68 -34.39 -31.56
N GLN A 252 48.49 -33.23 -32.21
CA GLN A 252 47.46 -32.29 -31.81
C GLN A 252 47.04 -31.48 -33.01
N MET A 253 45.88 -30.84 -32.90
CA MET A 253 45.40 -29.96 -33.95
C MET A 253 46.13 -28.63 -33.91
N ASP A 254 46.49 -28.12 -35.08
CA ASP A 254 47.20 -26.85 -35.18
C ASP A 254 46.63 -26.06 -36.35
N VAL A 255 46.75 -24.74 -36.27
CA VAL A 255 46.17 -23.86 -37.28
C VAL A 255 46.85 -24.10 -38.62
N ASN A 256 46.09 -24.64 -39.58
CA ASN A 256 46.62 -24.92 -40.90
C ASN A 256 46.72 -23.62 -41.70
N PRO A 257 47.87 -23.29 -42.28
CA PRO A 257 47.93 -22.08 -43.12
C PRO A 257 46.98 -22.11 -44.29
N GLU A 258 46.70 -23.29 -44.84
CA GLU A 258 45.76 -23.43 -45.94
C GLU A 258 44.31 -23.21 -45.54
N GLY A 259 44.01 -23.18 -44.24
CA GLY A 259 42.64 -23.00 -43.82
C GLY A 259 42.18 -21.56 -43.94
N LYS A 260 40.88 -21.39 -44.16
CA LYS A 260 40.27 -20.09 -44.33
C LYS A 260 38.95 -20.03 -43.57
N TYR A 261 38.63 -18.85 -43.06
CA TYR A 261 37.34 -18.65 -42.41
C TYR A 261 36.22 -18.68 -43.45
N SER A 262 35.00 -18.93 -42.98
CA SER A 262 33.84 -19.03 -43.85
C SER A 262 33.05 -17.74 -43.78
N PHE A 263 32.74 -17.17 -44.96
CA PHE A 263 31.93 -15.96 -45.06
C PHE A 263 30.75 -16.29 -45.96
N GLY A 264 29.56 -16.36 -45.37
CA GLY A 264 28.36 -16.66 -46.12
C GLY A 264 28.46 -18.01 -46.79
N ALA A 265 28.63 -18.01 -48.10
CA ALA A 265 28.86 -19.23 -48.87
C ALA A 265 30.22 -19.24 -49.53
N THR A 266 31.11 -18.33 -49.14
CA THR A 266 32.45 -18.27 -49.69
C THR A 266 33.48 -18.37 -48.57
N CYS A 267 34.38 -19.33 -48.71
CA CYS A 267 35.45 -19.53 -47.76
C CYS A 267 36.52 -18.47 -47.98
N VAL A 268 36.74 -17.64 -46.97
CA VAL A 268 37.57 -16.45 -47.09
C VAL A 268 38.77 -16.58 -46.19
N LYS A 269 39.96 -16.30 -46.74
CA LYS A 269 41.17 -16.33 -45.94
C LYS A 269 41.11 -15.33 -44.79
N LYS A 270 40.55 -14.15 -45.05
CA LYS A 270 40.39 -13.13 -44.02
C LYS A 270 38.95 -12.65 -44.02
N CYS A 271 38.48 -12.23 -42.85
CA CYS A 271 37.13 -11.70 -42.73
C CYS A 271 37.13 -10.25 -43.18
N PRO A 272 36.45 -9.90 -44.27
CA PRO A 272 36.54 -8.53 -44.79
C PRO A 272 35.61 -7.56 -44.07
N ARG A 273 35.97 -6.28 -44.10
CA ARG A 273 35.16 -5.18 -43.56
C ARG A 273 34.80 -5.49 -42.11
N ASN A 274 33.61 -5.08 -41.68
CA ASN A 274 33.16 -5.29 -40.31
C ASN A 274 32.60 -6.70 -40.20
N TYR A 275 33.51 -7.68 -40.27
CA TYR A 275 33.16 -9.08 -40.10
C TYR A 275 34.12 -9.72 -39.11
N VAL A 276 33.57 -10.45 -38.15
CA VAL A 276 34.34 -11.08 -37.09
C VAL A 276 34.29 -12.59 -37.28
N VAL A 277 35.43 -13.24 -37.10
CA VAL A 277 35.50 -14.69 -37.20
C VAL A 277 34.77 -15.30 -36.01
N THR A 278 33.89 -16.25 -36.28
CA THR A 278 33.10 -16.88 -35.24
C THR A 278 33.77 -18.16 -34.75
N ASP A 279 33.23 -18.73 -33.68
CA ASP A 279 33.78 -19.96 -33.12
C ASP A 279 33.71 -21.10 -34.12
N HIS A 280 32.58 -21.23 -34.82
CA HIS A 280 32.43 -22.24 -35.86
C HIS A 280 33.19 -21.88 -37.14
N GLY A 281 33.99 -20.82 -37.12
CA GLY A 281 34.76 -20.40 -38.26
C GLY A 281 34.06 -19.43 -39.18
N SER A 282 32.76 -19.20 -38.98
CA SER A 282 31.99 -18.30 -39.83
C SER A 282 32.47 -16.87 -39.64
N CYS A 283 32.43 -16.10 -40.72
CA CYS A 283 32.75 -14.68 -40.70
C CYS A 283 31.44 -13.93 -40.49
N VAL A 284 31.02 -13.85 -39.24
CA VAL A 284 29.76 -13.18 -38.92
C VAL A 284 30.00 -11.69 -38.83
N ARG A 285 29.03 -10.91 -39.31
CA ARG A 285 29.17 -9.45 -39.27
C ARG A 285 29.07 -8.93 -37.83
N ALA A 286 28.33 -9.63 -36.98
CA ALA A 286 28.22 -9.28 -35.58
C ALA A 286 28.36 -10.54 -34.74
N CYS A 287 29.11 -10.43 -33.65
CA CYS A 287 29.30 -11.55 -32.74
C CYS A 287 28.02 -11.84 -31.97
N GLY A 288 27.89 -13.07 -31.51
CA GLY A 288 26.71 -13.49 -30.78
C GLY A 288 26.62 -12.84 -29.41
N ALA A 289 25.43 -12.95 -28.82
CA ALA A 289 25.19 -12.36 -27.51
C ALA A 289 26.06 -13.00 -26.43
N ASP A 290 26.30 -14.30 -26.54
CA ASP A 290 27.14 -15.02 -25.60
C ASP A 290 28.62 -14.91 -25.91
N SER A 291 28.99 -14.17 -26.95
CA SER A 291 30.37 -14.03 -27.36
C SER A 291 30.82 -12.58 -27.21
N TYR A 292 32.12 -12.37 -27.36
CA TYR A 292 32.73 -11.05 -27.29
C TYR A 292 33.68 -10.88 -28.46
N GLU A 293 33.88 -9.62 -28.84
CA GLU A 293 34.77 -9.29 -29.95
C GLU A 293 36.18 -9.03 -29.41
N MET A 294 37.13 -9.88 -29.81
CA MET A 294 38.51 -9.75 -29.37
C MET A 294 39.42 -9.82 -30.58
N GLU A 295 40.37 -8.89 -30.64
CA GLU A 295 41.31 -8.82 -31.74
C GLU A 295 42.68 -9.32 -31.28
N GLU A 296 43.04 -10.51 -31.73
CA GLU A 296 44.36 -11.07 -31.49
C GLU A 296 45.22 -11.11 -32.74
N ASP A 297 44.60 -11.30 -33.90
CA ASP A 297 45.25 -11.23 -35.20
C ASP A 297 44.60 -10.10 -35.99
N GLY A 298 44.94 -10.02 -37.28
CA GLY A 298 44.36 -9.01 -38.14
C GLY A 298 42.85 -9.08 -38.24
N VAL A 299 42.26 -10.23 -37.93
CA VAL A 299 40.81 -10.41 -37.96
C VAL A 299 40.33 -10.65 -36.54
N ARG A 300 39.32 -9.90 -36.12
CA ARG A 300 38.73 -10.07 -34.81
C ARG A 300 38.05 -11.43 -34.72
N LYS A 301 37.98 -11.96 -33.50
CA LYS A 301 37.43 -13.29 -33.26
C LYS A 301 36.26 -13.19 -32.30
N CYS A 302 35.27 -14.06 -32.51
CA CYS A 302 34.09 -14.13 -31.67
C CYS A 302 34.42 -15.00 -30.45
N LYS A 303 35.19 -14.41 -29.53
CA LYS A 303 35.55 -15.10 -28.30
C LYS A 303 34.33 -15.18 -27.38
N LYS A 304 34.08 -16.38 -26.86
CA LYS A 304 32.94 -16.57 -25.97
C LYS A 304 33.10 -15.75 -24.70
N CYS A 305 31.98 -15.21 -24.22
CA CYS A 305 32.02 -14.34 -23.06
C CYS A 305 32.28 -15.15 -21.79
N GLU A 306 33.04 -14.55 -20.88
CA GLU A 306 33.31 -15.15 -19.57
C GLU A 306 32.17 -14.77 -18.64
N GLY A 307 31.09 -15.55 -18.69
CA GLY A 307 29.90 -15.25 -17.95
C GLY A 307 29.19 -14.03 -18.50
N PRO A 308 29.03 -13.01 -17.67
CA PRO A 308 28.41 -11.75 -18.15
C PRO A 308 29.32 -11.05 -19.14
N CYS A 309 28.85 -10.87 -20.36
CA CYS A 309 29.59 -10.15 -21.37
C CYS A 309 29.66 -8.67 -21.00
N ARG A 310 30.73 -8.00 -21.41
CA ARG A 310 30.93 -6.61 -21.01
C ARG A 310 29.86 -5.73 -21.63
N LYS A 311 28.95 -5.21 -20.80
CA LYS A 311 27.88 -4.32 -21.22
C LYS A 311 27.93 -3.11 -20.31
N VAL A 312 28.75 -2.12 -20.67
CA VAL A 312 29.00 -1.00 -19.77
C VAL A 312 27.77 -0.10 -19.74
N CYS A 313 26.94 -0.28 -18.74
CA CYS A 313 25.75 0.53 -18.52
C CYS A 313 26.15 1.84 -17.86
N ASN A 314 25.14 2.65 -17.55
CA ASN A 314 25.35 3.92 -16.87
C ASN A 314 24.74 3.86 -15.48
N GLY A 315 25.41 4.49 -14.52
CA GLY A 315 25.03 4.41 -13.13
C GLY A 315 24.16 5.57 -12.69
N ILE A 316 23.72 5.50 -11.45
CA ILE A 316 22.81 6.50 -10.92
C ILE A 316 23.61 7.77 -10.62
N GLY A 317 23.54 8.73 -11.54
CA GLY A 317 24.25 9.99 -11.42
C GLY A 317 24.83 10.49 -12.74
N ILE A 318 25.12 9.59 -13.67
CA ILE A 318 25.66 9.96 -14.97
C ILE A 318 25.09 9.03 -16.03
N GLY A 319 24.46 9.62 -17.04
CA GLY A 319 23.85 8.85 -18.11
C GLY A 319 22.36 9.10 -18.22
N GLU A 320 21.61 8.11 -18.70
CA GLU A 320 20.16 8.22 -18.67
C GLU A 320 19.65 8.38 -17.25
N PHE A 321 20.21 7.61 -16.30
CA PHE A 321 19.97 7.81 -14.87
C PHE A 321 20.84 8.93 -14.32
N LYS A 322 20.70 10.14 -14.85
CA LYS A 322 21.60 11.23 -14.47
C LYS A 322 21.12 11.92 -13.19
N ASP A 323 19.85 12.29 -13.13
CA ASP A 323 19.30 13.00 -11.98
C ASP A 323 18.51 12.10 -11.04
N SER A 324 18.57 10.79 -11.23
CA SER A 324 17.92 9.88 -10.30
C SER A 324 18.58 9.96 -8.93
N LEU A 325 17.75 9.88 -7.88
CA LEU A 325 18.24 9.99 -6.50
C LEU A 325 18.83 8.70 -5.96
N SER A 326 18.20 7.56 -6.27
CA SER A 326 18.66 6.26 -5.82
C SER A 326 18.42 5.26 -6.93
N ILE A 327 18.51 3.98 -6.60
CA ILE A 327 18.20 2.92 -7.58
C ILE A 327 16.71 2.67 -7.43
N ASN A 328 15.91 3.50 -8.08
CA ASN A 328 14.47 3.43 -8.01
C ASN A 328 13.99 2.17 -8.73
N ALA A 329 12.78 1.73 -8.43
CA ALA A 329 12.23 0.58 -9.15
C ALA A 329 12.06 0.89 -10.63
N THR A 330 11.84 2.16 -10.97
CA THR A 330 11.90 2.56 -12.37
C THR A 330 13.33 2.49 -12.88
N ASN A 331 14.29 2.96 -12.08
CA ASN A 331 15.69 2.91 -12.50
C ASN A 331 16.17 1.47 -12.69
N ILE A 332 15.82 0.58 -11.76
CA ILE A 332 16.20 -0.80 -11.90
C ILE A 332 15.50 -1.38 -13.12
N LYS A 333 15.98 -2.53 -13.58
CA LYS A 333 15.61 -3.25 -14.79
C LYS A 333 16.15 -2.54 -16.03
N HIS A 334 16.72 -1.34 -15.91
CA HIS A 334 17.55 -0.77 -16.95
C HIS A 334 19.01 -1.18 -16.80
N PHE A 335 19.33 -1.86 -15.71
CA PHE A 335 20.68 -2.35 -15.44
C PHE A 335 20.76 -3.87 -15.51
N LYS A 336 19.75 -4.52 -16.08
CA LYS A 336 19.77 -5.97 -16.19
C LYS A 336 20.84 -6.42 -17.18
N ASN A 337 21.46 -7.56 -16.88
CA ASN A 337 22.52 -8.12 -17.70
C ASN A 337 23.61 -7.09 -17.99
N CYS A 338 23.94 -6.27 -17.00
CA CYS A 338 24.92 -5.20 -17.17
C CYS A 338 26.13 -5.47 -16.28
N THR A 339 27.31 -5.20 -16.81
CA THR A 339 28.56 -5.30 -16.06
C THR A 339 29.37 -4.04 -16.30
N SER A 340 30.15 -3.66 -15.29
CA SER A 340 31.01 -2.48 -15.35
C SER A 340 30.19 -1.19 -15.48
N ILE A 341 29.23 -1.05 -14.57
CA ILE A 341 28.45 0.19 -14.49
C ILE A 341 29.39 1.37 -14.40
N SER A 342 29.07 2.44 -15.14
CA SER A 342 29.90 3.64 -15.18
C SER A 342 29.18 4.72 -14.40
N GLY A 343 29.69 5.03 -13.21
CA GLY A 343 29.08 5.92 -12.27
C GLY A 343 28.73 5.17 -11.01
N ASP A 344 28.16 5.88 -10.05
CA ASP A 344 27.81 5.25 -8.79
C ASP A 344 26.72 4.20 -9.01
N LEU A 345 26.45 3.40 -7.98
CA LEU A 345 25.36 2.44 -8.03
C LEU A 345 24.62 2.52 -6.70
N HIS A 346 24.34 3.75 -6.26
CA HIS A 346 23.71 4.01 -4.97
C HIS A 346 22.38 3.29 -4.87
N ILE A 347 22.10 2.71 -3.70
CA ILE A 347 20.81 2.07 -3.41
C ILE A 347 20.32 2.63 -2.08
N LEU A 348 19.55 3.71 -2.12
CA LEU A 348 19.11 4.38 -0.91
C LEU A 348 17.81 3.79 -0.40
N PRO A 349 17.39 4.15 0.81
CA PRO A 349 16.15 3.57 1.36
C PRO A 349 14.91 3.92 0.57
N VAL A 350 14.87 5.10 -0.04
CA VAL A 350 13.72 5.52 -0.83
C VAL A 350 13.48 4.58 -1.99
N ALA A 351 14.43 3.70 -2.30
CA ALA A 351 14.20 2.71 -3.33
C ALA A 351 13.19 1.67 -2.87
N PHE A 352 13.37 1.15 -1.66
CA PHE A 352 12.47 0.12 -1.16
C PHE A 352 11.22 0.72 -0.55
N ARG A 353 11.28 1.97 -0.08
CA ARG A 353 10.06 2.61 0.41
C ARG A 353 9.13 3.01 -0.74
N GLY A 354 9.68 3.36 -1.89
CA GLY A 354 8.91 3.99 -2.95
C GLY A 354 8.78 5.49 -2.72
N ASP A 355 8.65 6.22 -3.82
CA ASP A 355 8.55 7.66 -3.75
C ASP A 355 7.38 8.15 -4.59
N SER A 356 6.79 9.26 -4.17
CA SER A 356 5.71 9.89 -4.92
C SER A 356 6.20 11.12 -5.69
N PHE A 357 6.92 12.03 -5.02
CA PHE A 357 7.35 13.26 -5.69
C PHE A 357 8.30 12.94 -6.82
N THR A 358 8.77 11.71 -6.91
CA THR A 358 9.45 11.20 -8.08
C THR A 358 8.64 10.11 -8.78
N HIS A 359 7.43 9.83 -8.29
CA HIS A 359 6.49 8.90 -8.94
C HIS A 359 7.13 7.54 -9.18
N THR A 360 7.90 7.07 -8.21
CA THR A 360 8.60 5.80 -8.31
C THR A 360 7.86 4.75 -7.49
N PRO A 361 7.29 3.72 -8.13
CA PRO A 361 6.61 2.67 -7.38
C PRO A 361 7.58 1.93 -6.48
N PRO A 362 7.13 1.43 -5.34
CA PRO A 362 8.05 0.75 -4.41
C PRO A 362 8.67 -0.47 -5.05
N LEU A 363 9.94 -0.71 -4.72
CA LEU A 363 10.73 -1.76 -5.38
C LEU A 363 10.46 -3.09 -4.70
N ASP A 364 10.14 -4.10 -5.50
CA ASP A 364 10.07 -5.46 -4.99
C ASP A 364 11.46 -5.93 -4.58
N PRO A 365 11.62 -6.50 -3.40
CA PRO A 365 12.97 -6.89 -2.95
C PRO A 365 13.66 -7.87 -3.88
N GLN A 366 12.92 -8.80 -4.48
CA GLN A 366 13.55 -9.79 -5.35
C GLN A 366 14.13 -9.19 -6.62
N GLU A 367 13.80 -7.94 -6.92
CA GLU A 367 14.35 -7.29 -8.11
C GLU A 367 15.75 -6.73 -7.89
N LEU A 368 16.19 -6.62 -6.63
CA LEU A 368 17.55 -6.17 -6.37
C LEU A 368 18.59 -7.16 -6.87
N ASP A 369 18.18 -8.38 -7.20
CA ASP A 369 19.11 -9.37 -7.76
C ASP A 369 19.46 -9.08 -9.21
N ILE A 370 18.83 -8.08 -9.83
CA ILE A 370 19.23 -7.66 -11.17
C ILE A 370 20.64 -7.10 -11.14
N LEU A 371 21.03 -6.47 -10.03
CA LEU A 371 22.35 -5.89 -9.88
C LEU A 371 23.43 -6.90 -9.52
N LYS A 372 23.18 -8.20 -9.74
CA LYS A 372 24.17 -9.21 -9.38
C LYS A 372 25.20 -9.41 -10.49
N THR A 373 24.98 -8.85 -11.67
CA THR A 373 25.93 -9.05 -12.76
C THR A 373 27.00 -7.97 -12.83
N VAL A 374 26.90 -6.93 -11.99
CA VAL A 374 27.87 -5.84 -12.05
C VAL A 374 29.21 -6.33 -11.54
N LYS A 375 30.15 -6.54 -12.44
CA LYS A 375 31.48 -7.02 -12.09
C LYS A 375 32.49 -5.92 -11.91
N GLU A 376 32.06 -4.65 -11.97
CA GLU A 376 32.93 -3.51 -11.73
C GLU A 376 32.06 -2.28 -11.62
N ILE A 377 32.65 -1.18 -11.16
CA ILE A 377 31.95 0.09 -11.09
C ILE A 377 32.99 1.19 -11.28
N THR A 378 32.61 2.25 -11.98
CA THR A 378 33.50 3.38 -12.14
C THR A 378 33.49 4.28 -10.90
N GLY A 379 32.31 4.59 -10.37
CA GLY A 379 32.21 5.41 -9.19
C GLY A 379 31.95 4.60 -7.94
N PHE A 380 31.46 5.25 -6.89
CA PHE A 380 31.21 4.61 -5.60
C PHE A 380 30.15 3.54 -5.73
N LEU A 381 30.07 2.66 -4.73
CA LEU A 381 28.97 1.71 -4.62
C LEU A 381 28.42 1.76 -3.20
N LEU A 382 27.51 2.69 -2.94
CA LEU A 382 26.91 2.88 -1.63
C LEU A 382 25.63 2.07 -1.56
N ILE A 383 25.58 1.10 -0.66
CA ILE A 383 24.39 0.30 -0.42
C ILE A 383 23.87 0.68 0.96
N GLN A 384 23.00 1.69 1.02
CA GLN A 384 22.57 2.22 2.30
C GLN A 384 21.28 1.61 2.82
N ALA A 385 20.67 0.68 2.09
CA ALA A 385 19.52 -0.06 2.62
C ALA A 385 19.26 -1.27 1.74
N TRP A 386 19.25 -2.45 2.36
CA TRP A 386 19.07 -3.71 1.64
C TRP A 386 17.83 -4.41 2.18
N PRO A 387 17.23 -5.30 1.39
CA PRO A 387 16.04 -6.01 1.85
C PRO A 387 16.29 -6.71 3.18
N GLU A 388 15.44 -6.41 4.15
CA GLU A 388 15.68 -6.83 5.53
C GLU A 388 15.67 -8.34 5.70
N ASN A 389 14.87 -9.07 4.91
CA ASN A 389 14.82 -10.52 5.04
C ASN A 389 16.08 -11.21 4.56
N ARG A 390 16.94 -10.52 3.82
CA ARG A 390 18.13 -11.11 3.24
C ARG A 390 19.29 -10.97 4.21
N THR A 391 20.06 -12.04 4.37
CA THR A 391 21.12 -12.11 5.37
C THR A 391 22.43 -11.50 4.88
N ASP A 392 22.79 -11.68 3.62
CA ASP A 392 24.06 -11.19 3.11
C ASP A 392 23.83 -10.46 1.81
N LEU A 393 24.71 -9.50 1.52
CA LEU A 393 24.54 -8.60 0.37
C LEU A 393 24.77 -9.39 -0.91
N HIS A 394 23.86 -10.33 -1.15
CA HIS A 394 23.96 -11.20 -2.32
C HIS A 394 23.79 -10.44 -3.62
N ALA A 395 23.29 -9.20 -3.55
CA ALA A 395 23.22 -8.36 -4.74
C ALA A 395 24.59 -8.09 -5.33
N PHE A 396 25.57 -7.69 -4.51
CA PHE A 396 26.90 -7.37 -4.98
C PHE A 396 27.88 -8.52 -4.77
N GLU A 397 27.43 -9.76 -4.96
CA GLU A 397 28.27 -10.91 -4.69
C GLU A 397 29.32 -11.12 -5.77
N ASN A 398 29.24 -10.39 -6.88
CA ASN A 398 30.19 -10.57 -7.97
C ASN A 398 31.00 -9.33 -8.29
N LEU A 399 30.81 -8.23 -7.57
CA LEU A 399 31.54 -7.00 -7.86
C LEU A 399 33.03 -7.21 -7.65
N GLU A 400 33.78 -7.25 -8.76
CA GLU A 400 35.19 -7.61 -8.73
C GLU A 400 36.11 -6.44 -8.41
N ILE A 401 35.81 -5.22 -8.88
CA ILE A 401 36.59 -4.05 -8.52
C ILE A 401 35.70 -2.83 -8.58
N ILE A 402 35.55 -2.15 -7.45
CA ILE A 402 34.84 -0.88 -7.38
C ILE A 402 35.89 0.20 -7.60
N ARG A 403 36.18 0.52 -8.87
CA ARG A 403 37.30 1.41 -9.17
C ARG A 403 37.19 2.73 -8.43
N GLY A 404 35.97 3.22 -8.22
CA GLY A 404 35.77 4.40 -7.40
C GLY A 404 36.36 5.67 -7.97
N ARG A 405 36.20 5.91 -9.27
CA ARG A 405 36.70 7.15 -9.86
C ARG A 405 36.04 8.36 -9.22
N THR A 406 34.72 8.31 -9.04
CA THR A 406 33.98 9.34 -8.31
C THR A 406 33.50 8.74 -6.99
N LYS A 407 33.78 9.42 -5.89
CA LYS A 407 33.50 8.90 -4.57
C LYS A 407 32.27 9.57 -3.97
N GLN A 408 31.31 8.75 -3.55
CA GLN A 408 30.13 9.25 -2.85
C GLN A 408 30.58 10.04 -1.63
N HIS A 409 30.03 11.25 -1.46
CA HIS A 409 30.45 12.17 -0.41
C HIS A 409 31.95 12.46 -0.46
N GLY A 410 32.59 12.11 -1.58
CA GLY A 410 33.99 12.38 -1.79
C GLY A 410 34.95 11.44 -1.11
N GLN A 411 34.48 10.59 -0.19
CA GLN A 411 35.36 9.73 0.57
C GLN A 411 35.08 8.25 0.36
N PHE A 412 33.84 7.82 0.55
CA PHE A 412 33.50 6.40 0.55
C PHE A 412 33.38 5.88 -0.88
N SER A 413 33.95 4.70 -1.12
CA SER A 413 33.91 4.08 -2.44
C SER A 413 33.13 2.77 -2.47
N LEU A 414 33.24 1.96 -1.42
CA LEU A 414 32.36 0.81 -1.24
C LEU A 414 31.83 0.87 0.19
N ALA A 415 30.78 1.65 0.40
CA ALA A 415 30.19 1.88 1.72
C ALA A 415 28.93 1.06 1.85
N VAL A 416 28.79 0.36 2.97
CA VAL A 416 27.58 -0.41 3.28
C VAL A 416 27.14 0.03 4.67
N VAL A 417 26.31 1.05 4.74
CA VAL A 417 25.95 1.69 6.00
C VAL A 417 24.50 1.38 6.33
N SER A 418 24.21 1.24 7.62
CA SER A 418 22.85 1.18 8.17
C SER A 418 22.00 0.10 7.49
N LEU A 419 22.62 -1.04 7.22
CA LEU A 419 21.91 -2.21 6.74
C LEU A 419 21.84 -3.24 7.85
N ASN A 420 21.04 -4.28 7.63
CA ASN A 420 20.86 -5.30 8.65
C ASN A 420 21.30 -6.67 8.16
N ILE A 421 22.44 -6.73 7.50
CA ILE A 421 22.94 -7.96 6.88
C ILE A 421 23.69 -8.76 7.92
N THR A 422 23.81 -10.07 7.69
CA THR A 422 24.57 -10.92 8.59
C THR A 422 26.07 -10.85 8.29
N SER A 423 26.43 -10.90 7.02
CA SER A 423 27.82 -10.82 6.59
C SER A 423 27.92 -9.86 5.41
N LEU A 424 29.11 -9.26 5.24
CA LEU A 424 29.31 -8.31 4.15
C LEU A 424 28.98 -8.92 2.80
N GLY A 425 29.19 -10.22 2.65
CA GLY A 425 28.67 -10.96 1.51
C GLY A 425 29.25 -10.61 0.16
N LEU A 426 30.38 -9.90 0.13
CA LEU A 426 30.99 -9.41 -1.10
C LEU A 426 32.17 -10.29 -1.50
N ARG A 427 31.97 -11.61 -1.38
CA ARG A 427 33.04 -12.60 -1.53
C ARG A 427 33.99 -12.30 -2.68
N SER A 428 33.45 -11.83 -3.82
CA SER A 428 34.25 -11.77 -5.03
C SER A 428 35.05 -10.48 -5.18
N LEU A 429 34.90 -9.51 -4.29
CA LEU A 429 35.61 -8.24 -4.42
C LEU A 429 37.12 -8.47 -4.34
N LYS A 430 37.87 -7.73 -5.16
CA LYS A 430 39.32 -7.82 -5.16
C LYS A 430 40.04 -6.49 -4.98
N GLU A 431 39.56 -5.41 -5.58
CA GLU A 431 40.24 -4.13 -5.50
C GLU A 431 39.24 -2.99 -5.44
N ILE A 432 39.18 -2.30 -4.30
CA ILE A 432 38.44 -1.06 -4.15
C ILE A 432 39.47 0.04 -4.36
N SER A 433 39.63 0.48 -5.61
CA SER A 433 40.84 1.17 -6.03
C SER A 433 41.07 2.47 -5.28
N ASP A 434 40.24 3.48 -5.52
CA ASP A 434 40.58 4.85 -5.13
C ASP A 434 40.01 5.25 -3.78
N GLY A 435 38.70 5.21 -3.61
CA GLY A 435 38.10 5.75 -2.41
C GLY A 435 38.28 4.84 -1.22
N ASP A 436 37.83 5.35 -0.07
CA ASP A 436 37.91 4.61 1.18
C ASP A 436 36.85 3.51 1.17
N VAL A 437 36.71 2.81 2.29
CA VAL A 437 35.68 1.78 2.45
C VAL A 437 35.14 1.89 3.86
N ILE A 438 33.92 2.37 4.00
CA ILE A 438 33.27 2.51 5.30
C ILE A 438 32.09 1.56 5.35
N ILE A 439 32.20 0.52 6.16
CA ILE A 439 31.12 -0.44 6.29
C ILE A 439 30.68 -0.44 7.75
N SER A 440 29.72 0.42 8.07
CA SER A 440 29.32 0.66 9.44
C SER A 440 27.82 0.44 9.60
N GLY A 441 27.33 0.65 10.81
CA GLY A 441 25.92 0.64 11.08
C GLY A 441 25.28 -0.73 11.07
N ASN A 442 25.88 -1.71 10.41
CA ASN A 442 25.27 -3.03 10.26
C ASN A 442 25.29 -3.72 11.62
N LYS A 443 24.19 -3.61 12.36
CA LYS A 443 24.14 -4.10 13.73
C LYS A 443 24.12 -5.61 13.83
N ASN A 444 24.03 -6.32 12.71
CA ASN A 444 24.07 -7.77 12.73
C ASN A 444 25.10 -8.36 11.77
N LEU A 445 26.08 -7.57 11.36
CA LEU A 445 27.15 -8.09 10.50
C LEU A 445 28.34 -8.48 11.36
N CYS A 446 28.74 -9.74 11.28
CA CYS A 446 29.79 -10.26 12.14
C CYS A 446 31.09 -10.56 11.41
N TYR A 447 31.05 -11.42 10.39
CA TYR A 447 32.27 -11.82 9.69
C TYR A 447 32.67 -10.70 8.75
N ALA A 448 33.15 -9.60 9.34
CA ALA A 448 33.49 -8.40 8.57
C ALA A 448 34.96 -8.06 8.66
N ASN A 449 35.51 -7.89 9.86
CA ASN A 449 36.87 -7.41 10.02
C ASN A 449 37.91 -8.43 9.64
N THR A 450 37.50 -9.66 9.31
CA THR A 450 38.46 -10.69 8.93
C THR A 450 39.23 -10.30 7.68
N ILE A 451 38.52 -9.86 6.63
CA ILE A 451 39.17 -9.52 5.37
C ILE A 451 40.14 -8.37 5.59
N ASN A 452 41.37 -8.55 5.11
CA ASN A 452 42.43 -7.56 5.30
C ASN A 452 42.15 -6.35 4.43
N TRP A 453 41.69 -5.26 5.06
CA TRP A 453 41.26 -4.09 4.30
C TRP A 453 42.41 -3.36 3.62
N LYS A 454 43.64 -3.91 3.71
CA LYS A 454 44.76 -3.31 2.99
C LYS A 454 45.10 -4.09 1.72
N LYS A 455 44.81 -5.39 1.68
CA LYS A 455 45.06 -6.17 0.47
C LYS A 455 44.11 -5.77 -0.65
N LEU A 456 43.00 -5.11 -0.30
CA LEU A 456 42.01 -4.74 -1.31
C LEU A 456 42.24 -3.34 -1.86
N PHE A 457 42.29 -2.33 -0.99
CA PHE A 457 42.40 -0.94 -1.44
C PHE A 457 43.65 -0.74 -2.28
N GLY A 458 43.56 0.14 -3.26
CA GLY A 458 44.60 0.28 -4.27
C GLY A 458 45.47 1.52 -4.16
N THR A 459 44.88 2.66 -3.81
CA THR A 459 45.62 3.88 -3.62
C THR A 459 45.94 4.06 -2.14
N SER A 460 47.20 4.35 -1.84
CA SER A 460 47.68 4.31 -0.45
C SER A 460 46.91 5.26 0.46
N GLY A 461 46.24 6.27 -0.08
CA GLY A 461 45.41 7.13 0.73
C GLY A 461 44.09 6.53 1.17
N GLN A 462 43.68 5.41 0.59
CA GLN A 462 42.44 4.77 0.98
C GLN A 462 42.52 4.32 2.44
N LYS A 463 41.50 4.67 3.21
CA LYS A 463 41.37 4.27 4.60
C LYS A 463 40.27 3.21 4.69
N THR A 464 39.92 2.85 5.92
CA THR A 464 38.84 1.90 6.17
C THR A 464 38.24 2.19 7.52
N LYS A 465 36.92 2.28 7.57
CA LYS A 465 36.25 2.63 8.81
C LYS A 465 35.18 1.62 9.17
N ILE A 466 35.49 0.33 9.05
CA ILE A 466 34.52 -0.69 9.42
C ILE A 466 34.35 -0.63 10.94
N ILE A 467 33.22 -0.08 11.38
CA ILE A 467 32.99 0.16 12.81
C ILE A 467 31.50 0.02 13.10
N SER A 468 31.17 -0.03 14.39
CA SER A 468 29.80 0.01 14.88
C SER A 468 28.97 -1.20 14.45
N ASN A 469 29.61 -2.19 13.82
CA ASN A 469 28.94 -3.41 13.43
C ASN A 469 28.83 -4.32 14.65
N ARG A 470 28.45 -5.58 14.44
CA ARG A 470 28.35 -6.53 15.54
C ARG A 470 29.70 -6.71 16.20
N GLY A 471 29.71 -6.73 17.53
CA GLY A 471 30.97 -6.73 18.25
C GLY A 471 31.81 -7.96 17.96
N GLU A 472 33.13 -7.76 18.01
CA GLU A 472 34.05 -8.86 17.74
C GLU A 472 33.91 -9.96 18.78
N ASN A 473 33.81 -9.59 20.06
CA ASN A 473 33.62 -10.58 21.11
C ASN A 473 32.33 -11.35 20.91
N SER A 474 31.25 -10.65 20.60
CA SER A 474 29.98 -11.32 20.34
C SER A 474 30.03 -12.13 19.06
N CYS A 475 30.74 -11.62 18.04
CA CYS A 475 30.90 -12.39 16.81
C CYS A 475 31.59 -13.72 17.08
N LYS A 476 32.61 -13.71 17.93
CA LYS A 476 33.30 -14.94 18.30
C LYS A 476 32.46 -15.84 19.20
N ALA A 477 31.77 -15.27 20.18
CA ALA A 477 30.97 -16.08 21.10
C ALA A 477 29.83 -16.77 20.37
N THR A 478 29.15 -16.07 19.46
CA THR A 478 28.07 -16.65 18.68
C THR A 478 28.56 -17.65 17.64
N GLY A 479 29.87 -17.90 17.58
CA GLY A 479 30.42 -18.79 16.58
C GLY A 479 30.52 -18.20 15.20
N GLN A 480 30.34 -16.88 15.06
CA GLN A 480 30.43 -16.22 13.76
C GLN A 480 31.90 -15.91 13.47
N VAL A 481 32.61 -16.93 13.01
CA VAL A 481 34.03 -16.83 12.70
C VAL A 481 34.27 -17.50 11.35
N CYS A 482 35.39 -17.16 10.73
CA CYS A 482 35.76 -17.74 9.45
C CYS A 482 35.93 -19.26 9.59
N HIS A 483 35.45 -19.98 8.59
CA HIS A 483 35.63 -21.42 8.56
C HIS A 483 37.11 -21.75 8.63
N ALA A 484 37.44 -22.84 9.34
CA ALA A 484 38.84 -23.17 9.59
C ALA A 484 39.65 -23.25 8.31
N LEU A 485 39.05 -23.74 7.23
CA LEU A 485 39.74 -23.82 5.95
C LEU A 485 39.75 -22.46 5.24
N CYS A 486 40.26 -21.46 5.95
CA CYS A 486 40.38 -20.12 5.40
C CYS A 486 41.62 -19.47 5.99
N SER A 487 42.53 -19.02 5.12
CA SER A 487 43.81 -18.52 5.58
C SER A 487 43.65 -17.30 6.46
N PRO A 488 44.72 -16.85 7.11
CA PRO A 488 44.61 -15.74 8.06
C PRO A 488 44.24 -14.42 7.40
N GLU A 489 44.18 -14.41 6.08
CA GLU A 489 43.86 -13.17 5.37
C GLU A 489 42.46 -12.67 5.75
N GLY A 490 41.49 -13.56 5.80
CA GLY A 490 40.16 -13.19 6.22
C GLY A 490 39.10 -13.93 5.43
N CYS A 491 37.85 -13.69 5.82
CA CYS A 491 36.71 -14.30 5.14
C CYS A 491 35.63 -13.24 4.97
N TRP A 492 35.19 -13.05 3.74
CA TRP A 492 34.16 -12.06 3.45
C TRP A 492 32.81 -12.44 4.01
N GLY A 493 32.40 -13.69 3.87
CA GLY A 493 31.18 -14.17 4.47
C GLY A 493 31.47 -15.19 5.55
N PRO A 494 30.43 -15.65 6.26
CA PRO A 494 30.65 -16.57 7.38
C PRO A 494 30.78 -18.03 6.98
N GLU A 495 30.83 -18.34 5.69
CA GLU A 495 30.94 -19.69 5.19
C GLU A 495 32.34 -19.95 4.66
N PRO A 496 32.67 -21.19 4.30
CA PRO A 496 34.03 -21.48 3.82
C PRO A 496 34.29 -20.98 2.41
N ARG A 497 33.27 -20.92 1.55
CA ARG A 497 33.51 -20.47 0.17
C ARG A 497 33.76 -18.97 0.11
N ASP A 498 33.29 -18.23 1.10
CA ASP A 498 33.46 -16.78 1.13
C ASP A 498 34.69 -16.38 1.93
N CYS A 499 35.85 -16.91 1.55
CA CYS A 499 37.10 -16.68 2.26
C CYS A 499 38.02 -15.83 1.40
N VAL A 500 38.71 -14.87 2.03
CA VAL A 500 39.61 -14.00 1.27
C VAL A 500 40.76 -14.81 0.68
N SER A 501 41.38 -15.66 1.49
CA SER A 501 42.48 -16.49 1.00
C SER A 501 42.38 -17.87 1.62
N CYS A 502 42.69 -18.87 0.83
CA CYS A 502 42.52 -20.26 1.20
C CYS A 502 43.75 -20.75 1.96
N ARG A 503 43.50 -21.51 3.02
CA ARG A 503 44.59 -21.93 3.90
C ARG A 503 45.55 -22.87 3.18
N ASN A 504 45.03 -23.92 2.56
CA ASN A 504 45.87 -24.93 1.94
C ASN A 504 45.65 -25.03 0.44
N VAL A 505 44.42 -25.26 0.00
CA VAL A 505 44.07 -25.36 -1.42
C VAL A 505 42.79 -24.57 -1.65
N SER A 506 42.37 -24.49 -2.90
CA SER A 506 41.14 -23.77 -3.21
C SER A 506 40.50 -24.38 -4.44
N ARG A 507 39.53 -25.28 -4.22
CA ARG A 507 38.79 -25.89 -5.31
C ARG A 507 37.78 -24.86 -5.81
N GLY A 508 38.11 -24.23 -6.92
CA GLY A 508 37.27 -23.14 -7.41
C GLY A 508 37.30 -21.99 -6.43
N ARG A 509 36.14 -21.37 -6.22
CA ARG A 509 36.06 -20.27 -5.26
C ARG A 509 36.10 -20.80 -3.83
N GLU A 510 35.74 -22.06 -3.63
CA GLU A 510 35.72 -22.63 -2.29
C GLU A 510 37.13 -22.77 -1.75
N CYS A 511 37.29 -22.45 -0.47
CA CYS A 511 38.57 -22.57 0.22
C CYS A 511 38.59 -23.90 0.95
N VAL A 512 38.86 -24.99 0.21
CA VAL A 512 38.80 -26.33 0.75
C VAL A 512 39.94 -26.53 1.75
N ASP A 513 39.88 -27.60 2.52
CA ASP A 513 40.91 -27.83 3.54
C ASP A 513 42.09 -28.58 2.97
N LYS A 514 41.85 -29.48 2.02
CA LYS A 514 42.92 -30.22 1.37
C LYS A 514 42.44 -30.65 0.00
N CYS A 515 43.24 -30.34 -1.02
CA CYS A 515 42.91 -30.75 -2.37
C CYS A 515 43.04 -32.27 -2.51
N ASN A 516 42.24 -32.83 -3.40
CA ASN A 516 42.24 -34.27 -3.63
C ASN A 516 43.51 -34.67 -4.40
N LEU A 517 44.65 -34.48 -3.72
CA LEU A 517 45.95 -34.71 -4.36
C LEU A 517 46.21 -36.21 -4.53
N LEU A 518 45.77 -37.02 -3.59
CA LEU A 518 46.00 -38.46 -3.64
C LEU A 518 44.73 -39.29 -3.62
N GLU A 519 43.68 -38.85 -2.92
CA GLU A 519 42.43 -39.59 -2.87
C GLU A 519 41.27 -38.64 -3.12
N GLY A 520 40.40 -39.00 -4.05
CA GLY A 520 39.23 -38.22 -4.36
C GLY A 520 38.58 -38.68 -5.63
N GLU A 521 37.35 -38.19 -5.84
CA GLU A 521 36.57 -38.53 -7.03
C GLU A 521 37.02 -37.71 -8.23
N PRO A 522 37.16 -36.38 -8.08
CA PRO A 522 37.54 -35.54 -9.22
C PRO A 522 38.99 -35.67 -9.65
N ARG A 523 39.85 -36.25 -8.80
CA ARG A 523 41.29 -36.39 -9.05
C ARG A 523 41.93 -35.01 -9.27
N GLU A 524 41.85 -34.20 -8.21
CA GLU A 524 42.44 -32.87 -8.25
C GLU A 524 43.96 -32.97 -8.29
N PHE A 525 44.58 -31.91 -8.79
CA PHE A 525 46.03 -31.82 -8.89
C PHE A 525 46.46 -30.38 -8.66
N VAL A 526 46.90 -30.09 -7.45
CA VAL A 526 47.15 -28.71 -7.01
C VAL A 526 48.07 -28.03 -7.99
N GLU A 527 47.90 -26.71 -8.12
CA GLU A 527 48.70 -25.91 -9.04
C GLU A 527 48.60 -24.46 -8.60
N ASN A 528 49.74 -23.89 -8.19
CA ASN A 528 49.78 -22.51 -7.68
C ASN A 528 48.81 -22.34 -6.51
N SER A 529 48.78 -23.35 -5.64
CA SER A 529 47.92 -23.34 -4.45
C SER A 529 46.46 -23.13 -4.84
N GLU A 530 46.02 -23.89 -5.83
CA GLU A 530 44.61 -23.89 -6.22
C GLU A 530 44.31 -25.21 -6.92
N CYS A 531 43.40 -25.98 -6.34
CA CYS A 531 43.03 -27.27 -6.90
C CYS A 531 42.44 -27.04 -8.28
N ILE A 532 42.81 -27.89 -9.23
CA ILE A 532 42.30 -27.83 -10.59
C ILE A 532 41.91 -29.24 -11.00
N GLN A 533 40.69 -29.39 -11.48
CA GLN A 533 40.23 -30.70 -11.94
C GLN A 533 41.15 -31.20 -13.04
N CYS A 534 41.82 -32.32 -12.79
CA CYS A 534 42.63 -32.93 -13.83
C CYS A 534 41.74 -33.30 -15.02
N HIS A 535 42.36 -33.41 -16.19
CA HIS A 535 41.60 -33.71 -17.40
C HIS A 535 40.85 -35.03 -17.20
N PRO A 536 39.60 -35.12 -17.68
CA PRO A 536 38.82 -36.34 -17.43
C PRO A 536 39.50 -37.59 -17.94
N GLU A 537 40.34 -37.49 -18.97
CA GLU A 537 41.05 -38.65 -19.47
C GLU A 537 42.09 -39.15 -18.49
N CYS A 538 42.45 -38.34 -17.50
CA CYS A 538 43.44 -38.76 -16.50
C CYS A 538 42.80 -39.76 -15.55
N LEU A 539 43.17 -41.03 -15.71
CA LEU A 539 42.72 -42.05 -14.78
C LEU A 539 43.30 -41.78 -13.39
N PRO A 540 42.48 -41.86 -12.35
CA PRO A 540 43.01 -41.69 -10.99
C PRO A 540 44.04 -42.77 -10.68
N GLN A 541 45.13 -42.36 -10.04
CA GLN A 541 46.21 -43.27 -9.65
C GLN A 541 46.30 -43.31 -8.13
N ALA A 542 46.36 -44.52 -7.59
CA ALA A 542 46.33 -44.72 -6.15
C ALA A 542 47.68 -44.54 -5.48
N MET A 543 48.78 -44.92 -6.14
CA MET A 543 50.10 -44.83 -5.53
C MET A 543 50.53 -43.38 -5.29
N ASN A 544 50.28 -42.50 -6.25
CA ASN A 544 50.71 -41.10 -6.14
C ASN A 544 49.77 -40.17 -6.89
N ILE A 545 50.21 -38.94 -7.14
CA ILE A 545 49.37 -37.97 -7.81
C ILE A 545 48.97 -38.49 -9.19
N THR A 546 47.69 -38.32 -9.52
CA THR A 546 47.13 -38.82 -10.76
C THR A 546 47.39 -37.91 -11.94
N CYS A 547 47.91 -36.70 -11.72
CA CYS A 547 48.11 -35.76 -12.82
C CYS A 547 49.14 -34.73 -12.41
N THR A 548 50.22 -34.62 -13.17
CA THR A 548 51.23 -33.60 -12.87
C THR A 548 50.67 -32.19 -13.10
N GLY A 549 49.95 -31.99 -14.20
CA GLY A 549 49.40 -30.68 -14.47
C GLY A 549 48.18 -30.79 -15.37
N ARG A 550 47.54 -29.65 -15.58
CA ARG A 550 46.35 -29.59 -16.41
C ARG A 550 46.66 -30.08 -17.81
N GLY A 551 45.60 -30.30 -18.59
CA GLY A 551 45.75 -30.78 -19.94
C GLY A 551 46.04 -32.26 -19.99
N PRO A 552 45.55 -32.93 -21.04
CA PRO A 552 45.69 -34.39 -21.12
C PRO A 552 47.11 -34.86 -21.37
N ASP A 553 48.09 -33.96 -21.43
CA ASP A 553 49.48 -34.34 -21.65
C ASP A 553 50.32 -34.26 -20.39
N ASN A 554 49.69 -34.18 -19.23
CA ASN A 554 50.38 -34.16 -17.94
C ASN A 554 49.69 -35.06 -16.93
N CYS A 555 49.23 -36.23 -17.39
CA CYS A 555 48.47 -37.14 -16.56
C CYS A 555 49.27 -38.40 -16.30
N ILE A 556 49.11 -38.95 -15.10
CA ILE A 556 49.88 -40.12 -14.70
C ILE A 556 49.39 -41.36 -15.46
N GLN A 557 48.13 -41.71 -15.29
CA GLN A 557 47.53 -42.84 -15.98
C GLN A 557 46.32 -42.35 -16.78
N CYS A 558 46.17 -42.86 -17.99
CA CYS A 558 45.10 -42.44 -18.89
C CYS A 558 43.85 -43.26 -18.64
N ALA A 559 42.73 -42.58 -18.43
CA ALA A 559 41.46 -43.29 -18.28
C ALA A 559 41.06 -43.96 -19.59
N HIS A 560 41.10 -43.21 -20.69
CA HIS A 560 40.90 -43.75 -22.02
C HIS A 560 42.26 -44.03 -22.64
N TYR A 561 42.28 -44.28 -23.94
CA TYR A 561 43.54 -44.49 -24.65
C TYR A 561 44.45 -43.28 -24.48
N ILE A 562 45.76 -43.53 -24.56
CA ILE A 562 46.77 -42.48 -24.50
C ILE A 562 47.38 -42.34 -25.87
N ASP A 563 47.24 -41.15 -26.46
CA ASP A 563 47.69 -40.88 -27.83
C ASP A 563 48.96 -40.05 -27.75
N GLY A 564 50.09 -40.68 -28.03
CA GLY A 564 51.37 -40.02 -27.94
C GLY A 564 51.60 -39.43 -26.56
N PRO A 565 51.95 -38.15 -26.52
CA PRO A 565 52.11 -37.50 -25.21
C PRO A 565 50.78 -37.16 -24.58
N HIS A 566 49.69 -37.37 -25.31
CA HIS A 566 48.36 -36.97 -24.86
C HIS A 566 47.51 -38.19 -24.48
N CYS A 567 46.62 -37.98 -23.52
CA CYS A 567 45.61 -38.97 -23.16
C CYS A 567 44.27 -38.53 -23.73
N VAL A 568 43.83 -39.18 -24.80
CA VAL A 568 42.64 -38.77 -25.53
C VAL A 568 41.53 -39.77 -25.30
N LYS A 569 40.29 -39.27 -25.30
CA LYS A 569 39.14 -40.14 -25.12
C LYS A 569 39.10 -41.22 -26.21
N THR A 570 39.37 -40.83 -27.44
CA THR A 570 39.48 -41.77 -28.54
C THR A 570 40.66 -41.37 -29.42
N CYS A 571 41.20 -42.36 -30.12
CA CYS A 571 42.27 -42.09 -31.06
C CYS A 571 41.75 -41.23 -32.21
N PRO A 572 42.56 -40.37 -32.80
CA PRO A 572 42.05 -39.52 -33.89
C PRO A 572 41.69 -40.35 -35.11
N ALA A 573 40.39 -40.48 -35.38
CA ALA A 573 39.89 -41.28 -36.48
C ALA A 573 39.14 -40.39 -37.45
N GLY A 574 39.62 -40.31 -38.68
CA GLY A 574 39.00 -39.50 -39.68
C GLY A 574 39.16 -38.00 -39.52
N VAL A 575 39.87 -37.56 -38.48
CA VAL A 575 40.12 -36.13 -38.30
C VAL A 575 41.06 -35.65 -39.40
N MET A 576 40.71 -34.53 -40.01
CA MET A 576 41.48 -34.01 -41.13
C MET A 576 42.85 -33.56 -40.65
N GLY A 577 43.89 -34.02 -41.35
CA GLY A 577 45.25 -33.61 -41.04
C GLY A 577 45.82 -32.73 -42.14
N GLU A 578 47.15 -32.64 -42.21
CA GLU A 578 47.78 -31.89 -43.28
C GLU A 578 47.56 -32.57 -44.62
N ASN A 579 47.84 -31.83 -45.69
CA ASN A 579 47.68 -32.31 -47.06
C ASN A 579 46.23 -32.72 -47.35
N ASN A 580 45.29 -32.13 -46.61
CA ASN A 580 43.86 -32.40 -46.79
C ASN A 580 43.55 -33.89 -46.70
N THR A 581 44.15 -34.56 -45.72
CA THR A 581 43.95 -35.98 -45.50
C THR A 581 43.35 -36.22 -44.14
N LEU A 582 42.26 -36.98 -44.08
CA LEU A 582 41.68 -37.38 -42.82
C LEU A 582 42.58 -38.41 -42.14
N VAL A 583 42.75 -38.26 -40.83
CA VAL A 583 43.65 -39.11 -40.06
C VAL A 583 42.82 -40.10 -39.25
N TRP A 584 43.09 -41.39 -39.46
CA TRP A 584 42.49 -42.44 -38.67
C TRP A 584 43.60 -43.20 -37.96
N LYS A 585 43.48 -43.30 -36.63
CA LYS A 585 44.52 -43.93 -35.81
C LYS A 585 43.94 -45.11 -35.06
N TYR A 586 44.69 -46.20 -35.02
CA TYR A 586 44.33 -47.40 -34.29
C TYR A 586 44.91 -47.32 -32.89
N ALA A 587 44.30 -48.07 -31.97
CA ALA A 587 44.71 -48.08 -30.58
C ALA A 587 45.42 -49.39 -30.26
N ASP A 588 46.50 -49.31 -29.49
CA ASP A 588 47.24 -50.49 -29.08
C ASP A 588 46.61 -51.05 -27.81
N ALA A 589 47.06 -52.24 -27.38
CA ALA A 589 46.52 -52.86 -26.18
C ALA A 589 46.85 -52.04 -24.94
N GLY A 590 48.01 -51.41 -24.90
CA GLY A 590 48.39 -50.52 -23.83
C GLY A 590 47.77 -49.15 -23.91
N HIS A 591 46.61 -49.03 -24.54
CA HIS A 591 45.89 -47.77 -24.73
C HIS A 591 46.70 -46.76 -25.53
N VAL A 592 47.63 -47.22 -26.36
CA VAL A 592 48.45 -46.31 -27.17
C VAL A 592 47.84 -46.18 -28.55
N CYS A 593 47.63 -44.94 -28.98
CA CYS A 593 47.02 -44.66 -30.28
C CYS A 593 48.10 -44.71 -31.36
N HIS A 594 48.01 -45.72 -32.23
CA HIS A 594 48.91 -45.86 -33.36
C HIS A 594 48.24 -45.40 -34.64
N LEU A 595 48.82 -44.41 -35.29
CA LEU A 595 48.26 -43.88 -36.53
C LEU A 595 48.39 -44.91 -37.65
N CYS A 596 47.38 -44.95 -38.52
CA CYS A 596 47.38 -45.88 -39.63
C CYS A 596 48.31 -45.41 -40.74
N ASP B 6 -29.09 5.09 49.46
CA ASP B 6 -28.85 5.56 48.10
C ASP B 6 -27.98 4.58 47.32
N ILE B 7 -28.25 4.45 46.02
CA ILE B 7 -27.46 3.56 45.18
C ILE B 7 -26.09 4.16 44.97
N GLN B 8 -25.05 3.36 45.25
CA GLN B 8 -23.67 3.80 45.10
C GLN B 8 -23.12 3.31 43.77
N MET B 9 -22.51 4.21 43.01
CA MET B 9 -21.96 3.91 41.69
C MET B 9 -20.44 3.91 41.77
N THR B 10 -19.83 2.85 41.24
CA THR B 10 -18.38 2.69 41.23
C THR B 10 -17.90 2.71 39.79
N GLN B 11 -16.94 3.58 39.50
CA GLN B 11 -16.37 3.72 38.17
C GLN B 11 -15.00 3.06 38.11
N SER B 12 -14.80 2.19 37.13
CA SER B 12 -13.56 1.45 36.98
C SER B 12 -13.09 1.52 35.53
N PRO B 13 -11.86 1.97 35.28
CA PRO B 13 -10.89 2.46 36.26
C PRO B 13 -11.13 3.91 36.62
N SER B 14 -10.58 4.39 37.75
CA SER B 14 -10.70 5.80 38.09
C SER B 14 -9.89 6.67 37.14
N SER B 15 -8.75 6.17 36.66
CA SER B 15 -7.95 6.87 35.68
C SER B 15 -7.29 5.84 34.76
N LEU B 16 -7.39 6.08 33.45
CA LEU B 16 -6.84 5.15 32.46
C LEU B 16 -6.09 5.94 31.40
N SER B 17 -4.92 5.43 31.01
CA SER B 17 -4.12 6.01 29.94
C SER B 17 -4.05 5.00 28.79
N ALA B 18 -4.37 5.47 27.58
CA ALA B 18 -4.42 4.59 26.42
C ALA B 18 -3.76 5.27 25.23
N SER B 19 -3.33 4.46 24.27
CA SER B 19 -2.72 4.95 23.05
C SER B 19 -3.79 5.26 22.02
N VAL B 20 -3.42 6.05 21.01
CA VAL B 20 -4.36 6.43 19.96
C VAL B 20 -4.85 5.19 19.24
N GLY B 21 -6.16 5.04 19.12
CA GLY B 21 -6.78 3.91 18.48
C GLY B 21 -7.01 2.72 19.38
N ASP B 22 -6.41 2.71 20.56
CA ASP B 22 -6.57 1.59 21.48
C ASP B 22 -8.00 1.55 22.03
N ARG B 23 -8.51 0.33 22.21
CA ARG B 23 -9.83 0.14 22.77
C ARG B 23 -9.80 0.42 24.26
N VAL B 24 -10.66 1.33 24.71
CA VAL B 24 -10.73 1.74 26.11
C VAL B 24 -12.11 1.39 26.64
N THR B 25 -12.15 0.70 27.77
CA THR B 25 -13.39 0.29 28.41
C THR B 25 -13.43 0.82 29.83
N ILE B 26 -14.55 1.43 30.20
CA ILE B 26 -14.77 1.95 31.54
C ILE B 26 -15.94 1.18 32.16
N THR B 27 -15.73 0.64 33.35
CA THR B 27 -16.73 -0.16 34.03
C THR B 27 -17.47 0.66 35.07
N CYS B 28 -18.78 0.46 35.13
CA CYS B 28 -19.64 1.15 36.09
C CYS B 28 -20.35 0.11 36.93
N SER B 29 -20.10 0.14 38.24
CA SER B 29 -20.69 -0.80 39.18
C SER B 29 -21.65 -0.05 40.11
N ALA B 30 -22.89 -0.54 40.18
CA ALA B 30 -23.91 0.07 41.01
C ALA B 30 -24.17 -0.78 42.24
N SER B 31 -24.41 -0.11 43.38
CA SER B 31 -24.70 -0.83 44.62
C SER B 31 -26.04 -1.57 44.55
N SER B 32 -26.94 -1.16 43.66
CA SER B 32 -28.23 -1.81 43.51
C SER B 32 -28.51 -1.98 42.02
N SER B 33 -29.40 -2.93 41.70
CA SER B 33 -29.77 -3.17 40.32
C SER B 33 -30.41 -1.92 39.72
N VAL B 34 -29.80 -1.41 38.65
CA VAL B 34 -30.27 -0.19 37.98
C VAL B 34 -30.84 -0.59 36.63
N SER B 35 -32.06 -0.11 36.35
CA SER B 35 -32.70 -0.44 35.08
C SER B 35 -31.92 0.13 33.91
N TYR B 36 -31.40 1.36 34.05
CA TYR B 36 -30.60 1.97 33.01
C TYR B 36 -29.54 2.85 33.64
N MET B 37 -28.35 2.85 33.05
CA MET B 37 -27.26 3.71 33.47
C MET B 37 -26.85 4.58 32.29
N ASN B 38 -26.65 5.87 32.56
CA ASN B 38 -26.34 6.84 31.52
C ASN B 38 -24.88 7.25 31.61
N TRP B 39 -24.27 7.46 30.45
CA TRP B 39 -22.86 7.83 30.34
C TRP B 39 -22.75 9.28 29.87
N TYR B 40 -21.89 10.04 30.53
CA TYR B 40 -21.66 11.43 30.19
C TYR B 40 -20.18 11.67 29.89
N GLN B 41 -19.92 12.46 28.87
CA GLN B 41 -18.57 12.87 28.49
C GLN B 41 -18.34 14.29 28.98
N GLN B 42 -17.39 14.45 29.90
CA GLN B 42 -17.10 15.74 30.52
C GLN B 42 -15.64 16.07 30.26
N THR B 43 -15.40 17.01 29.34
CA THR B 43 -14.05 17.46 29.07
C THR B 43 -13.57 18.39 30.18
N PRO B 44 -12.26 18.52 30.37
CA PRO B 44 -11.74 19.42 31.40
C PRO B 44 -12.20 20.85 31.19
N GLY B 45 -12.92 21.40 32.16
CA GLY B 45 -13.47 22.73 32.05
C GLY B 45 -14.76 22.83 31.27
N LYS B 46 -15.26 21.72 30.75
CA LYS B 46 -16.50 21.69 29.98
C LYS B 46 -17.59 20.98 30.76
N ALA B 47 -18.83 21.35 30.48
CA ALA B 47 -19.96 20.74 31.15
C ALA B 47 -20.10 19.28 30.72
N PRO B 48 -20.58 18.42 31.61
CA PRO B 48 -20.77 17.01 31.24
C PRO B 48 -21.77 16.88 30.10
N LYS B 49 -21.35 16.19 29.05
CA LYS B 49 -22.18 15.95 27.87
C LYS B 49 -22.54 14.48 27.82
N ARG B 50 -23.84 14.18 27.82
CA ARG B 50 -24.30 12.81 27.84
C ARG B 50 -23.72 12.04 26.66
N TRP B 51 -23.03 10.94 26.95
CA TRP B 51 -22.45 10.08 25.94
C TRP B 51 -23.44 9.05 25.42
N ILE B 52 -24.09 8.31 26.32
CA ILE B 52 -25.09 7.33 25.95
C ILE B 52 -26.24 7.41 26.94
N TYR B 53 -27.47 7.23 26.44
CA TYR B 53 -28.65 7.14 27.27
C TYR B 53 -29.27 5.76 27.10
N ASP B 54 -30.02 5.34 28.11
CA ASP B 54 -30.66 4.02 28.16
C ASP B 54 -29.65 2.88 28.13
N THR B 55 -28.38 3.20 28.42
CA THR B 55 -27.29 2.24 28.62
C THR B 55 -26.85 1.57 27.32
N SER B 56 -27.56 1.86 26.23
CA SER B 56 -27.16 1.35 24.92
C SER B 56 -27.35 2.34 23.79
N LYS B 57 -28.09 3.44 23.98
CA LYS B 57 -28.33 4.39 22.90
C LYS B 57 -27.40 5.58 23.06
N LEU B 58 -26.51 5.76 22.10
CA LEU B 58 -25.55 6.85 22.12
C LEU B 58 -26.28 8.17 21.86
N ALA B 59 -25.87 9.23 22.54
CA ALA B 59 -26.47 10.53 22.34
C ALA B 59 -26.15 11.06 20.95
N SER B 60 -26.97 12.01 20.50
CA SER B 60 -26.82 12.57 19.17
C SER B 60 -25.45 13.22 19.01
N GLY B 61 -24.79 12.90 17.89
CA GLY B 61 -23.48 13.44 17.60
C GLY B 61 -22.32 12.63 18.15
N VAL B 62 -22.59 11.59 18.94
CA VAL B 62 -21.53 10.76 19.49
C VAL B 62 -20.94 9.90 18.37
N PRO B 63 -19.62 9.89 18.20
CA PRO B 63 -19.02 9.03 17.16
C PRO B 63 -19.30 7.57 17.44
N SER B 64 -19.35 6.78 16.37
CA SER B 64 -19.67 5.36 16.48
C SER B 64 -18.63 4.58 17.27
N ARG B 65 -17.45 5.15 17.51
CA ARG B 65 -16.43 4.47 18.31
C ARG B 65 -16.85 4.28 19.75
N PHE B 66 -17.86 5.00 20.22
CA PHE B 66 -18.39 4.84 21.57
C PHE B 66 -19.54 3.83 21.57
N SER B 67 -19.56 3.00 22.61
CA SER B 67 -20.59 1.97 22.73
C SER B 67 -20.88 1.74 24.20
N GLY B 68 -22.15 1.53 24.50
CA GLY B 68 -22.60 1.30 25.87
C GLY B 68 -23.23 -0.07 26.04
N SER B 69 -22.99 -0.68 27.18
CA SER B 69 -23.55 -1.99 27.48
C SER B 69 -23.63 -2.15 28.99
N GLY B 70 -24.52 -3.05 29.42
CA GLY B 70 -24.69 -3.33 30.83
C GLY B 70 -26.13 -3.39 31.28
N SER B 71 -26.38 -4.10 32.37
CA SER B 71 -27.72 -4.25 32.91
C SER B 71 -27.64 -4.55 34.40
N GLY B 72 -28.71 -4.21 35.11
CA GLY B 72 -28.76 -4.44 36.55
C GLY B 72 -27.81 -3.56 37.31
N THR B 73 -26.79 -4.17 37.93
CA THR B 73 -25.81 -3.43 38.71
C THR B 73 -24.48 -3.24 38.00
N ASP B 74 -24.30 -3.81 36.81
CA ASP B 74 -23.05 -3.71 36.07
C ASP B 74 -23.32 -3.03 34.74
N TYR B 75 -22.56 -1.97 34.46
CA TYR B 75 -22.60 -1.28 33.19
C TYR B 75 -21.18 -0.95 32.75
N THR B 76 -20.98 -0.87 31.44
CA THR B 76 -19.65 -0.63 30.88
C THR B 76 -19.72 0.44 29.80
N PHE B 77 -18.71 1.31 29.77
CA PHE B 77 -18.53 2.29 28.72
C PHE B 77 -17.31 1.92 27.92
N THR B 78 -17.48 1.74 26.61
CA THR B 78 -16.42 1.21 25.75
C THR B 78 -16.15 2.18 24.62
N ILE B 79 -14.86 2.37 24.32
CA ILE B 79 -14.41 3.18 23.21
C ILE B 79 -13.66 2.25 22.25
N SER B 80 -14.14 2.16 21.01
CA SER B 80 -13.54 1.24 20.05
C SER B 80 -12.12 1.67 19.69
N SER B 81 -11.91 2.96 19.45
CA SER B 81 -10.60 3.48 19.06
C SER B 81 -10.36 4.79 19.80
N LEU B 82 -9.32 4.83 20.62
CA LEU B 82 -9.02 6.03 21.40
C LEU B 82 -8.47 7.12 20.50
N GLN B 83 -8.85 8.36 20.80
CA GLN B 83 -8.39 9.54 20.07
C GLN B 83 -8.06 10.66 21.05
N PRO B 84 -7.24 11.63 20.64
CA PRO B 84 -6.94 12.75 21.54
C PRO B 84 -8.17 13.54 21.95
N GLU B 85 -9.17 13.65 21.09
CA GLU B 85 -10.41 14.34 21.42
C GLU B 85 -11.25 13.61 22.45
N ASP B 86 -10.97 12.32 22.69
CA ASP B 86 -11.67 11.55 23.70
C ASP B 86 -11.15 11.83 25.11
N ILE B 87 -10.08 12.60 25.25
CA ILE B 87 -9.55 12.91 26.57
C ILE B 87 -10.58 13.74 27.31
N ALA B 88 -11.18 13.15 28.34
CA ALA B 88 -12.26 13.75 29.10
C ALA B 88 -12.57 12.83 30.27
N THR B 89 -13.38 13.32 31.19
CA THR B 89 -13.86 12.53 32.33
C THR B 89 -15.20 11.89 31.96
N TYR B 90 -15.19 10.58 31.76
CA TYR B 90 -16.40 9.83 31.42
C TYR B 90 -16.98 9.23 32.69
N TYR B 91 -18.21 9.63 33.01
CA TYR B 91 -18.87 9.24 34.25
C TYR B 91 -20.20 8.56 33.94
N CYS B 92 -20.57 7.59 34.76
CA CYS B 92 -21.85 6.92 34.66
C CYS B 92 -22.81 7.47 35.72
N GLN B 93 -24.09 7.52 35.38
CA GLN B 93 -25.09 8.07 36.26
C GLN B 93 -26.33 7.19 36.24
N GLN B 94 -26.88 6.92 37.41
CA GLN B 94 -28.10 6.13 37.55
C GLN B 94 -29.22 6.99 38.11
N TRP B 95 -30.41 6.87 37.53
CA TRP B 95 -31.59 7.60 37.97
C TRP B 95 -32.69 6.70 38.48
N SER B 96 -32.42 5.42 38.74
CA SER B 96 -33.45 4.51 39.22
C SER B 96 -33.99 4.95 40.58
N SER B 97 -33.17 5.62 41.39
CA SER B 97 -33.59 6.08 42.70
C SER B 97 -32.97 7.44 42.97
N ASN B 98 -33.74 8.31 43.62
CA ASN B 98 -33.24 9.63 43.97
C ASN B 98 -32.28 9.54 45.16
N PRO B 99 -31.23 10.36 45.19
CA PRO B 99 -30.82 11.33 44.17
C PRO B 99 -30.13 10.67 42.99
N PHE B 100 -30.13 11.30 41.81
CA PHE B 100 -29.43 10.73 40.66
C PHE B 100 -27.93 10.73 40.93
N THR B 101 -27.38 9.56 41.20
CA THR B 101 -25.99 9.41 41.63
C THR B 101 -25.08 9.29 40.42
N PHE B 102 -23.93 9.95 40.49
CA PHE B 102 -22.91 9.89 39.45
C PHE B 102 -21.61 9.35 40.04
N GLY B 103 -20.86 8.63 39.21
CA GLY B 103 -19.65 7.99 39.67
C GLY B 103 -18.55 8.98 39.98
N GLN B 104 -17.47 8.45 40.57
CA GLN B 104 -16.32 9.29 40.92
C GLN B 104 -15.62 9.87 39.69
N GLY B 105 -15.88 9.32 38.51
CA GLY B 105 -15.28 9.85 37.29
C GLY B 105 -14.08 9.06 36.82
N THR B 106 -14.00 8.81 35.51
CA THR B 106 -12.89 8.09 34.92
C THR B 106 -12.02 9.10 34.15
N LYS B 107 -10.83 9.36 34.66
CA LYS B 107 -9.91 10.31 34.05
C LYS B 107 -9.19 9.63 32.89
N LEU B 108 -9.53 10.02 31.67
CA LEU B 108 -8.97 9.42 30.47
C LEU B 108 -7.79 10.27 30.00
N GLN B 109 -6.62 9.65 29.88
CA GLN B 109 -5.42 10.30 29.42
C GLN B 109 -4.84 9.55 28.23
N ILE B 110 -4.00 10.25 27.47
CA ILE B 110 -3.35 9.66 26.30
C ILE B 110 -2.02 9.08 26.73
N THR B 111 -1.82 7.79 26.43
CA THR B 111 -0.60 7.08 26.76
C THR B 111 0.36 7.03 25.59
N SER B 112 0.19 7.95 24.63
CA SER B 112 1.08 8.00 23.44
C SER B 112 2.50 8.41 23.85
N GLY B 113 2.65 9.61 24.41
CA GLY B 113 3.98 10.09 24.85
C GLY B 113 4.84 10.49 23.67
N GLY B 114 4.22 10.75 22.52
CA GLY B 114 4.96 11.17 21.31
C GLY B 114 5.57 9.98 20.58
N GLY B 115 6.23 9.08 21.32
CA GLY B 115 6.83 7.88 20.70
C GLY B 115 7.72 8.26 19.53
N GLY B 116 8.39 9.41 19.62
CA GLY B 116 9.31 9.84 18.55
C GLY B 116 8.72 9.58 17.17
N GLN B 117 7.41 9.74 17.02
CA GLN B 117 6.77 9.54 15.73
C GLN B 117 7.20 10.63 14.77
N VAL B 118 7.24 10.29 13.48
CA VAL B 118 7.76 11.20 12.47
C VAL B 118 6.96 12.48 12.54
N GLN B 119 7.62 13.57 12.93
CA GLN B 119 6.93 14.81 13.24
C GLN B 119 7.76 15.98 12.76
N LEU B 120 7.54 16.42 11.53
CA LEU B 120 8.19 17.60 11.00
C LEU B 120 7.71 18.81 11.81
N VAL B 121 8.63 19.74 12.06
CA VAL B 121 8.32 20.96 12.81
C VAL B 121 8.89 22.15 12.05
N GLN B 122 8.03 23.10 11.72
CA GLN B 122 8.41 24.21 10.86
C GLN B 122 8.80 25.43 11.71
N SER B 123 9.29 26.47 11.04
CA SER B 123 9.79 27.65 11.74
C SER B 123 8.64 28.49 12.27
N GLY B 124 7.83 29.06 11.38
CA GLY B 124 6.62 29.73 11.78
C GLY B 124 6.82 31.18 12.18
N ALA B 125 5.72 31.92 12.16
CA ALA B 125 5.65 33.30 12.64
C ALA B 125 6.63 34.21 11.90
N GLU B 126 6.41 34.35 10.60
CA GLU B 126 7.21 35.21 9.75
C GLU B 126 6.33 36.29 9.14
N VAL B 127 6.69 37.54 9.38
CA VAL B 127 6.02 38.70 8.79
C VAL B 127 7.08 39.56 8.11
N LYS B 128 6.89 39.81 6.82
CA LYS B 128 7.91 40.52 6.05
C LYS B 128 7.38 41.81 5.44
N LYS B 129 8.19 42.48 4.65
CA LYS B 129 7.82 43.69 3.94
C LYS B 129 7.88 43.41 2.44
N PRO B 130 7.14 44.18 1.64
CA PRO B 130 7.09 43.90 0.20
C PRO B 130 8.47 43.91 -0.44
N GLY B 131 8.70 42.96 -1.33
CA GLY B 131 9.97 42.86 -2.04
C GLY B 131 11.10 42.24 -1.27
N ALA B 132 10.84 41.69 -0.09
CA ALA B 132 11.89 41.10 0.73
C ALA B 132 11.99 39.60 0.45
N SER B 133 12.80 38.91 1.25
CA SER B 133 12.98 37.48 1.14
C SER B 133 12.83 36.83 2.51
N VAL B 134 12.18 35.67 2.54
CA VAL B 134 11.95 34.92 3.77
C VAL B 134 12.47 33.51 3.58
N LYS B 135 13.16 32.99 4.59
CA LYS B 135 13.69 31.64 4.58
C LYS B 135 12.99 30.84 5.66
N VAL B 136 12.43 29.70 5.28
CA VAL B 136 11.68 28.85 6.20
C VAL B 136 12.46 27.55 6.41
N SER B 137 12.38 27.02 7.63
CA SER B 137 13.06 25.79 7.98
C SER B 137 12.10 24.81 8.65
N CYS B 138 12.22 23.53 8.27
CA CYS B 138 11.31 22.49 8.74
C CYS B 138 12.13 21.42 9.45
N LYS B 139 12.31 21.61 10.76
CA LYS B 139 13.13 20.70 11.56
C LYS B 139 12.44 19.35 11.65
N ALA B 140 12.94 18.38 10.90
CA ALA B 140 12.42 17.02 10.93
C ALA B 140 12.78 16.39 12.26
N SER B 141 12.09 15.32 12.62
CA SER B 141 12.41 14.54 13.80
C SER B 141 11.87 13.12 13.62
N GLY B 142 12.47 12.17 14.33
CA GLY B 142 11.98 10.81 14.35
C GLY B 142 12.10 10.05 13.05
N TYR B 143 12.83 10.58 12.08
CA TYR B 143 12.98 9.90 10.80
C TYR B 143 14.40 10.13 10.30
N THR B 144 14.80 9.31 9.33
CA THR B 144 16.08 9.52 8.67
C THR B 144 15.95 10.73 7.77
N PHE B 145 16.33 11.90 8.28
CA PHE B 145 16.01 13.16 7.59
C PHE B 145 16.69 13.24 6.24
N THR B 146 17.44 12.22 5.85
CA THR B 146 18.11 12.19 4.56
C THR B 146 17.57 11.11 3.64
N SER B 147 16.37 10.59 3.91
CA SER B 147 15.80 9.52 3.10
C SER B 147 14.41 9.85 2.57
N TYR B 148 13.86 11.02 2.91
CA TYR B 148 12.50 11.38 2.55
C TYR B 148 12.47 12.78 1.97
N TRP B 149 11.83 12.92 0.80
CA TRP B 149 11.83 14.20 0.11
C TRP B 149 10.90 15.18 0.79
N MET B 150 11.48 16.15 1.49
CA MET B 150 10.71 17.13 2.26
C MET B 150 10.07 18.11 1.28
N HIS B 151 9.12 17.61 0.50
CA HIS B 151 8.37 18.45 -0.43
C HIS B 151 7.68 19.57 0.33
N TRP B 152 7.68 20.76 -0.27
CA TRP B 152 7.03 21.91 0.34
C TRP B 152 5.72 22.19 -0.39
N VAL B 153 4.79 22.85 0.28
CA VAL B 153 3.48 23.17 -0.27
C VAL B 153 2.95 24.40 0.44
N ARG B 154 2.22 25.24 -0.29
CA ARG B 154 1.68 26.48 0.24
C ARG B 154 0.25 26.68 -0.22
N GLN B 155 -0.59 27.12 0.72
CA GLN B 155 -2.02 27.35 0.47
C GLN B 155 -2.35 28.76 0.95
N ALA B 156 -2.38 29.70 0.03
CA ALA B 156 -2.59 31.10 0.40
C ALA B 156 -4.05 31.32 0.81
N PRO B 157 -4.32 32.36 1.59
CA PRO B 157 -5.71 32.66 1.93
C PRO B 157 -6.53 32.89 0.67
N GLY B 158 -7.52 32.02 0.47
CA GLY B 158 -8.29 32.02 -0.75
C GLY B 158 -7.75 31.17 -1.87
N GLN B 159 -7.01 30.11 -1.58
CA GLN B 159 -6.45 29.25 -2.60
C GLN B 159 -6.23 27.85 -2.03
N GLY B 160 -6.05 26.89 -2.93
CA GLY B 160 -5.84 25.51 -2.54
C GLY B 160 -4.38 25.18 -2.35
N LEU B 161 -4.10 23.88 -2.26
CA LEU B 161 -2.73 23.44 -2.07
C LEU B 161 -1.94 23.64 -3.36
N GLU B 162 -0.94 24.51 -3.30
CA GLU B 162 -0.09 24.81 -4.44
C GLU B 162 1.35 24.51 -4.05
N TRP B 163 1.94 23.48 -4.66
CA TRP B 163 3.27 23.05 -4.28
C TRP B 163 4.28 24.16 -4.54
N MET B 164 5.32 24.21 -3.70
CA MET B 164 6.39 25.17 -3.86
C MET B 164 7.72 24.49 -4.19
N GLY B 165 7.71 23.21 -4.54
CA GLY B 165 8.91 22.54 -5.01
C GLY B 165 9.62 21.66 -4.01
N ASN B 166 10.04 20.48 -4.48
CA ASN B 166 10.53 19.41 -3.61
C ASN B 166 11.97 19.62 -3.19
N ILE B 167 12.55 18.59 -2.57
CA ILE B 167 13.96 18.53 -2.23
C ILE B 167 14.29 17.06 -2.01
N TRP B 168 15.57 16.74 -1.93
CA TRP B 168 15.98 15.41 -1.52
C TRP B 168 16.90 15.55 -0.34
N PRO B 169 16.39 15.85 0.86
CA PRO B 169 17.22 16.48 1.90
C PRO B 169 18.62 15.91 2.05
N GLY B 170 18.83 14.64 1.75
CA GLY B 170 20.17 14.08 1.85
C GLY B 170 21.16 14.65 0.87
N SER B 171 20.77 14.78 -0.40
CA SER B 171 21.67 15.26 -1.44
C SER B 171 21.51 16.73 -1.77
N GLY B 172 20.48 17.40 -1.28
CA GLY B 172 20.30 18.81 -1.57
C GLY B 172 19.87 19.11 -2.98
N GLY B 173 19.47 18.11 -3.77
CA GLY B 173 19.12 18.34 -5.15
C GLY B 173 17.64 18.60 -5.36
N THR B 174 17.27 19.87 -5.48
CA THR B 174 15.88 20.29 -5.41
C THR B 174 15.27 20.52 -6.78
N ASN B 175 14.14 19.88 -7.03
CA ASN B 175 13.20 20.31 -8.05
C ASN B 175 12.58 21.62 -7.56
N TYR B 176 11.79 22.27 -8.41
CA TYR B 176 11.25 23.57 -8.04
C TYR B 176 9.94 23.83 -8.75
N ALA B 177 9.24 24.86 -8.29
CA ALA B 177 7.89 25.18 -8.73
C ALA B 177 7.91 26.24 -9.82
N GLU B 178 7.15 26.01 -10.88
CA GLU B 178 7.23 26.85 -12.07
C GLU B 178 6.98 28.31 -11.75
N LYS B 179 5.95 28.61 -10.96
CA LYS B 179 5.62 30.00 -10.66
C LYS B 179 6.57 30.64 -9.66
N PHE B 180 7.59 29.90 -9.19
CA PHE B 180 8.56 30.45 -8.26
C PHE B 180 9.99 30.01 -8.60
N LYS B 181 10.21 29.45 -9.79
CA LYS B 181 11.50 28.85 -10.12
C LYS B 181 12.64 29.84 -9.97
N ASN B 182 12.37 31.12 -10.20
CA ASN B 182 13.38 32.15 -10.11
C ASN B 182 13.35 32.92 -8.80
N ARG B 183 12.55 32.48 -7.82
CA ARG B 183 12.40 33.20 -6.58
C ARG B 183 12.51 32.35 -5.33
N VAL B 184 12.38 31.03 -5.43
CA VAL B 184 12.40 30.14 -4.28
C VAL B 184 13.51 29.12 -4.46
N THR B 185 14.51 29.19 -3.57
CA THR B 185 15.63 28.25 -3.58
C THR B 185 15.59 27.45 -2.30
N MET B 186 15.63 26.12 -2.43
CA MET B 186 15.48 25.22 -1.31
C MET B 186 16.75 24.40 -1.12
N THR B 187 17.42 24.57 0.01
CA THR B 187 18.66 23.87 0.30
C THR B 187 18.58 23.23 1.68
N ARG B 188 19.04 21.99 1.76
CA ARG B 188 18.93 21.17 2.97
C ARG B 188 20.22 21.24 3.79
N ASP B 189 20.07 20.88 5.06
CA ASP B 189 21.20 20.80 6.01
C ASP B 189 21.13 19.43 6.67
N THR B 190 21.73 18.43 6.03
CA THR B 190 21.58 17.05 6.48
C THR B 190 22.09 16.87 7.90
N SER B 191 23.09 17.66 8.30
CA SER B 191 23.66 17.51 9.63
C SER B 191 22.64 17.85 10.72
N ILE B 192 21.95 18.98 10.58
CA ILE B 192 20.96 19.40 11.56
C ILE B 192 19.61 18.72 11.34
N SER B 193 19.51 17.80 10.37
CA SER B 193 18.29 17.08 10.07
C SER B 193 17.12 18.04 9.84
N THR B 194 17.27 18.88 8.81
CA THR B 194 16.31 19.94 8.55
C THR B 194 16.42 20.37 7.10
N ALA B 195 15.28 20.70 6.50
CA ALA B 195 15.26 21.30 5.17
C ALA B 195 14.97 22.79 5.28
N TYR B 196 15.52 23.55 4.34
CA TYR B 196 15.36 24.99 4.33
C TYR B 196 15.00 25.45 2.93
N MET B 197 14.02 26.35 2.85
CA MET B 197 13.57 26.90 1.57
C MET B 197 13.43 28.41 1.74
N GLU B 198 14.05 29.17 0.85
CA GLU B 198 14.05 30.62 0.91
C GLU B 198 13.30 31.16 -0.29
N LEU B 199 12.26 31.95 -0.04
CA LEU B 199 11.51 32.63 -1.08
C LEU B 199 12.01 34.06 -1.18
N SER B 200 12.30 34.51 -2.40
CA SER B 200 12.92 35.80 -2.63
C SER B 200 11.93 36.75 -3.32
N ARG B 201 12.15 38.05 -3.08
CA ARG B 201 11.32 39.11 -3.65
C ARG B 201 9.86 38.91 -3.29
N LEU B 202 9.58 38.96 -1.98
CA LEU B 202 8.22 38.71 -1.50
C LEU B 202 7.27 39.79 -1.99
N ARG B 203 6.29 39.38 -2.80
CA ARG B 203 5.27 40.27 -3.32
C ARG B 203 4.09 40.33 -2.35
N SER B 204 2.98 40.89 -2.81
CA SER B 204 1.78 40.93 -1.98
C SER B 204 0.99 39.63 -2.08
N ASP B 205 0.90 39.04 -3.27
CA ASP B 205 0.14 37.83 -3.49
C ASP B 205 0.79 36.60 -2.86
N ASP B 206 2.02 36.71 -2.37
CA ASP B 206 2.71 35.56 -1.79
C ASP B 206 2.55 35.47 -0.28
N THR B 207 1.64 36.24 0.32
CA THR B 207 1.34 36.07 1.74
C THR B 207 0.44 34.85 1.92
N ALA B 208 0.85 33.93 2.78
CA ALA B 208 0.20 32.62 2.84
C ALA B 208 0.65 31.88 4.09
N VAL B 209 0.16 30.66 4.23
CA VAL B 209 0.64 29.70 5.21
C VAL B 209 1.36 28.61 4.43
N TYR B 210 2.65 28.43 4.72
CA TYR B 210 3.51 27.54 3.95
C TYR B 210 3.84 26.31 4.76
N TYR B 211 3.49 25.13 4.24
CA TYR B 211 3.67 23.87 4.94
C TYR B 211 4.84 23.12 4.33
N CYS B 212 5.33 22.12 5.05
CA CYS B 212 6.46 21.31 4.60
C CYS B 212 6.07 19.85 4.73
N ALA B 213 5.72 19.23 3.62
CA ALA B 213 5.22 17.87 3.64
C ALA B 213 6.41 16.92 3.80
N ARG B 214 6.17 15.62 3.59
CA ARG B 214 7.25 14.66 3.48
C ARG B 214 6.74 13.51 2.63
N SER B 215 7.05 13.53 1.34
CA SER B 215 6.46 12.57 0.41
C SER B 215 6.78 11.15 0.83
N GLY B 216 5.75 10.41 1.24
CA GLY B 216 5.89 9.05 1.67
C GLY B 216 6.07 8.10 0.49
N GLY B 217 5.81 6.84 0.74
CA GLY B 217 5.93 5.83 -0.30
C GLY B 217 4.82 5.94 -1.33
N PRO B 218 3.60 5.56 -0.94
CA PRO B 218 2.44 5.75 -1.81
C PRO B 218 1.62 7.01 -1.50
N TYR B 219 1.94 7.74 -0.44
CA TYR B 219 1.09 8.81 0.03
C TYR B 219 1.90 10.09 0.17
N PHE B 220 1.85 10.92 -0.86
CA PHE B 220 2.55 12.19 -0.83
C PHE B 220 1.98 13.06 0.28
N PHE B 221 2.84 13.90 0.84
CA PHE B 221 2.47 14.78 1.95
C PHE B 221 1.88 13.99 3.12
N ASP B 222 2.57 12.92 3.47
CA ASP B 222 2.11 12.07 4.57
C ASP B 222 2.07 12.84 5.87
N TYR B 223 3.21 13.29 6.37
CA TYR B 223 3.29 13.93 7.67
C TYR B 223 3.62 15.41 7.50
N TRP B 224 2.58 16.22 7.34
CA TRP B 224 2.72 17.64 7.07
C TRP B 224 3.17 18.37 8.32
N GLY B 225 4.04 19.35 8.14
CA GLY B 225 4.52 20.12 9.26
C GLY B 225 3.45 21.02 9.84
N GLN B 226 3.81 21.72 10.91
CA GLN B 226 2.87 22.62 11.57
C GLN B 226 2.40 23.73 10.64
N GLY B 227 3.25 24.19 9.75
CA GLY B 227 2.85 25.22 8.79
C GLY B 227 3.25 26.60 9.29
N THR B 228 3.96 27.34 8.46
CA THR B 228 4.41 28.69 8.77
C THR B 228 3.55 29.68 8.01
N LEU B 229 3.09 30.71 8.69
CA LEU B 229 2.28 31.76 8.06
C LEU B 229 3.18 32.93 7.72
N VAL B 230 3.44 33.12 6.43
CA VAL B 230 4.34 34.18 5.96
C VAL B 230 3.44 35.25 5.35
N THR B 231 3.21 36.32 6.10
CA THR B 231 2.35 37.41 5.65
C THR B 231 3.23 38.61 5.28
N VAL B 232 3.36 38.87 3.97
CA VAL B 232 4.09 40.03 3.48
C VAL B 232 3.15 40.82 2.58
N SER B 233 2.90 42.08 2.93
CA SER B 233 1.97 42.90 2.19
C SER B 233 2.45 44.34 2.22
N SER B 234 1.97 45.12 1.26
CA SER B 234 2.36 46.51 1.13
C SER B 234 1.78 47.34 2.27
N ASP B 255 0.06 22.40 -15.89
CA ASP B 255 -0.46 22.10 -14.56
C ASP B 255 -1.88 21.56 -14.64
N ILE B 256 -2.04 20.26 -14.36
CA ILE B 256 -3.36 19.64 -14.36
C ILE B 256 -4.25 20.36 -13.36
N VAL B 257 -5.32 20.97 -13.84
CA VAL B 257 -6.18 21.78 -12.99
C VAL B 257 -7.30 20.90 -12.45
N MET B 258 -7.35 20.75 -11.13
CA MET B 258 -8.39 19.99 -10.45
C MET B 258 -9.26 20.99 -9.69
N THR B 259 -10.56 20.96 -9.94
CA THR B 259 -11.51 21.82 -9.24
C THR B 259 -12.51 20.94 -8.51
N GLN B 260 -12.86 21.33 -7.29
CA GLN B 260 -13.73 20.52 -6.44
C GLN B 260 -15.18 20.85 -6.75
N SER B 261 -15.97 19.81 -7.06
CA SER B 261 -17.35 20.02 -7.49
C SER B 261 -18.17 20.74 -6.45
N PRO B 262 -18.42 20.19 -5.27
CA PRO B 262 -19.06 20.97 -4.22
C PRO B 262 -18.11 22.04 -3.70
N LEU B 263 -18.67 22.97 -2.95
CA LEU B 263 -17.89 24.01 -2.29
C LEU B 263 -18.73 24.55 -1.16
N SER B 264 -18.18 24.57 0.04
CA SER B 264 -18.94 24.88 1.25
C SER B 264 -20.15 23.97 1.36
N LEU B 265 -19.99 22.73 0.92
CA LEU B 265 -21.10 21.79 0.90
C LEU B 265 -21.53 21.47 2.32
N PRO B 266 -22.69 21.96 2.76
CA PRO B 266 -23.12 21.69 4.13
C PRO B 266 -23.88 20.38 4.24
N VAL B 267 -23.70 19.70 5.37
CA VAL B 267 -24.40 18.46 5.67
C VAL B 267 -24.86 18.51 7.13
N THR B 268 -25.85 17.68 7.45
CA THR B 268 -26.34 17.64 8.83
C THR B 268 -25.56 16.60 9.62
N PRO B 269 -25.44 16.79 10.94
CA PRO B 269 -24.68 15.83 11.75
C PRO B 269 -25.21 14.41 11.58
N GLY B 270 -24.39 13.56 10.97
CA GLY B 270 -24.82 12.21 10.68
C GLY B 270 -25.34 12.05 9.27
N GLU B 271 -25.73 13.15 8.64
CA GLU B 271 -26.22 13.08 7.27
C GLU B 271 -25.05 12.74 6.34
N PRO B 272 -25.22 11.79 5.43
CA PRO B 272 -24.15 11.49 4.48
C PRO B 272 -23.84 12.70 3.60
N ALA B 273 -22.56 12.88 3.31
CA ALA B 273 -22.09 13.98 2.49
C ALA B 273 -21.27 13.44 1.31
N SER B 274 -20.90 14.34 0.41
CA SER B 274 -20.12 13.96 -0.77
C SER B 274 -19.50 15.20 -1.39
N ILE B 275 -18.19 15.18 -1.58
CA ILE B 275 -17.46 16.21 -2.30
C ILE B 275 -16.81 15.55 -3.51
N SER B 276 -16.94 16.18 -4.67
CA SER B 276 -16.37 15.64 -5.90
C SER B 276 -15.38 16.63 -6.50
N CYS B 277 -14.51 16.13 -7.36
CA CYS B 277 -13.49 16.96 -7.99
C CYS B 277 -13.20 16.44 -9.38
N ARG B 278 -12.95 17.37 -10.30
CA ARG B 278 -12.77 17.06 -11.72
C ARG B 278 -11.34 17.41 -12.14
N SER B 279 -10.73 16.52 -12.91
CA SER B 279 -9.36 16.67 -13.36
C SER B 279 -9.33 17.26 -14.77
N SER B 280 -8.44 18.24 -14.97
CA SER B 280 -8.33 18.88 -16.27
C SER B 280 -7.92 17.88 -17.34
N GLN B 281 -7.04 16.95 -17.00
CA GLN B 281 -6.62 15.88 -17.88
C GLN B 281 -6.80 14.55 -17.17
N ASN B 282 -6.34 13.48 -17.80
CA ASN B 282 -6.37 12.16 -17.18
C ASN B 282 -5.27 12.10 -16.14
N ILE B 283 -5.63 12.00 -14.87
CA ILE B 283 -4.68 12.06 -13.77
C ILE B 283 -4.23 10.66 -13.35
N VAL B 284 -4.44 9.66 -14.20
CA VAL B 284 -3.81 8.36 -14.03
C VAL B 284 -2.43 8.44 -14.65
N HIS B 285 -1.39 8.35 -13.82
CA HIS B 285 -0.03 8.56 -14.29
C HIS B 285 0.40 7.44 -15.24
N ASN B 286 1.48 7.70 -15.98
CA ASN B 286 2.03 6.69 -16.88
C ASN B 286 2.47 5.45 -16.12
N ASN B 287 2.85 5.60 -14.85
CA ASN B 287 3.19 4.46 -14.02
C ASN B 287 1.99 3.58 -13.70
N GLY B 288 0.77 4.04 -14.01
CA GLY B 288 -0.43 3.29 -13.73
C GLY B 288 -1.00 3.49 -12.36
N ILE B 289 -0.31 4.22 -11.48
CA ILE B 289 -0.81 4.54 -10.15
C ILE B 289 -1.33 5.97 -10.20
N THR B 290 -2.62 6.14 -9.99
CA THR B 290 -3.22 7.46 -10.02
C THR B 290 -2.96 8.15 -8.69
N TYR B 291 -1.99 9.05 -8.69
CA TYR B 291 -1.58 9.71 -7.44
C TYR B 291 -2.54 10.84 -7.09
N LEU B 292 -3.83 10.55 -7.12
CA LEU B 292 -4.83 11.47 -6.60
C LEU B 292 -5.02 11.20 -5.12
N GLU B 293 -5.24 12.26 -4.35
CA GLU B 293 -5.40 12.12 -2.92
C GLU B 293 -6.37 13.18 -2.44
N TRP B 294 -6.95 12.95 -1.27
CA TRP B 294 -7.88 13.89 -0.68
C TRP B 294 -7.42 14.21 0.74
N TYR B 295 -6.54 15.19 0.87
CA TYR B 295 -6.11 15.69 2.17
C TYR B 295 -7.30 16.34 2.83
N LEU B 296 -7.29 16.41 4.15
CA LEU B 296 -8.45 16.92 4.90
C LEU B 296 -7.96 17.89 5.96
N GLN B 297 -7.88 19.17 5.62
CA GLN B 297 -7.40 20.16 6.58
C GLN B 297 -8.51 20.35 7.59
N LYS B 298 -8.43 19.59 8.67
CA LYS B 298 -9.38 19.77 9.76
C LYS B 298 -9.24 21.19 10.31
N PRO B 299 -10.31 21.75 10.86
CA PRO B 299 -10.28 23.17 11.24
C PRO B 299 -9.17 23.48 12.23
N GLY B 300 -8.25 24.35 11.81
CA GLY B 300 -7.18 24.81 12.67
C GLY B 300 -5.90 24.00 12.64
N GLN B 301 -5.89 22.87 11.95
CA GLN B 301 -4.72 21.99 11.93
C GLN B 301 -4.14 21.92 10.53
N SER B 302 -2.95 21.34 10.44
CA SER B 302 -2.29 21.16 9.15
C SER B 302 -3.02 20.10 8.34
N PRO B 303 -3.01 20.21 7.02
CA PRO B 303 -3.71 19.22 6.20
C PRO B 303 -3.17 17.82 6.49
N GLN B 304 -4.06 16.83 6.45
CA GLN B 304 -3.72 15.47 6.83
C GLN B 304 -4.36 14.51 5.84
N LEU B 305 -3.54 13.63 5.25
CA LEU B 305 -4.04 12.74 4.22
C LEU B 305 -5.22 11.94 4.76
N LEU B 306 -6.23 11.75 3.91
CA LEU B 306 -7.40 10.97 4.24
C LEU B 306 -7.76 9.98 3.15
N ILE B 307 -7.09 10.06 2.00
CA ILE B 307 -7.13 8.98 1.03
C ILE B 307 -5.75 8.83 0.40
N TYR B 308 -5.03 7.79 0.80
CA TYR B 308 -3.65 7.59 0.35
C TYR B 308 -3.54 7.59 -1.17
N LYS B 309 -4.44 6.90 -1.85
CA LYS B 309 -4.54 6.97 -3.30
C LYS B 309 -5.98 7.35 -3.60
N VAL B 310 -6.40 7.22 -4.86
CA VAL B 310 -7.78 7.53 -5.23
C VAL B 310 -8.76 6.92 -4.25
N SER B 311 -8.52 5.67 -3.82
CA SER B 311 -9.47 4.94 -3.00
C SER B 311 -8.99 4.55 -1.62
N ASP B 312 -7.74 4.12 -1.46
CA ASP B 312 -7.29 3.61 -0.17
C ASP B 312 -7.19 4.73 0.86
N ARG B 313 -7.49 4.39 2.11
CA ARG B 313 -7.47 5.35 3.21
C ARG B 313 -6.19 5.20 4.02
N PHE B 314 -5.68 6.33 4.51
CA PHE B 314 -4.47 6.31 5.32
C PHE B 314 -4.75 5.70 6.68
N SER B 315 -3.67 5.34 7.38
CA SER B 315 -3.76 4.67 8.66
C SER B 315 -3.99 5.70 9.76
N GLY B 316 -5.15 5.63 10.40
CA GLY B 316 -5.54 6.59 11.41
C GLY B 316 -6.74 7.43 11.05
N VAL B 317 -7.32 7.22 9.87
CA VAL B 317 -8.54 7.92 9.46
C VAL B 317 -9.72 7.01 9.78
N PRO B 318 -10.81 7.54 10.34
CA PRO B 318 -11.96 6.69 10.64
C PRO B 318 -12.51 6.03 9.39
N ASP B 319 -13.34 5.02 9.59
CA ASP B 319 -13.93 4.30 8.47
C ASP B 319 -14.97 5.12 7.72
N ARG B 320 -15.42 6.24 8.29
CA ARG B 320 -16.42 7.06 7.61
C ARG B 320 -15.89 7.62 6.30
N PHE B 321 -14.72 8.26 6.33
CA PHE B 321 -14.20 8.97 5.17
C PHE B 321 -13.61 7.99 4.17
N SER B 322 -14.33 7.76 3.07
CA SER B 322 -13.91 6.78 2.07
C SER B 322 -14.37 7.28 0.70
N GLY B 323 -13.45 7.90 -0.04
CA GLY B 323 -13.80 8.41 -1.36
C GLY B 323 -13.57 7.39 -2.45
N SER B 324 -13.81 7.82 -3.69
CA SER B 324 -13.57 6.99 -4.86
C SER B 324 -13.55 7.86 -6.10
N GLY B 325 -13.29 7.22 -7.23
CA GLY B 325 -13.25 7.91 -8.51
C GLY B 325 -12.50 7.10 -9.55
N SER B 326 -12.54 7.63 -10.78
CA SER B 326 -11.84 7.00 -11.90
C SER B 326 -11.71 8.02 -13.02
N GLY B 327 -10.72 7.80 -13.86
CA GLY B 327 -10.46 8.68 -14.99
C GLY B 327 -10.10 10.09 -14.58
N THR B 328 -10.99 11.04 -14.85
CA THR B 328 -10.78 12.44 -14.49
C THR B 328 -11.73 12.94 -13.43
N ASP B 329 -12.73 12.14 -13.05
CA ASP B 329 -13.68 12.51 -12.00
C ASP B 329 -13.37 11.73 -10.73
N PHE B 330 -13.28 12.44 -9.62
CA PHE B 330 -13.03 11.85 -8.31
C PHE B 330 -14.00 12.46 -7.32
N THR B 331 -14.49 11.66 -6.38
CA THR B 331 -15.46 12.13 -5.41
C THR B 331 -15.24 11.43 -4.07
N LEU B 332 -15.17 12.22 -3.02
CA LEU B 332 -15.08 11.71 -1.65
C LEU B 332 -16.50 11.61 -1.11
N LYS B 333 -16.80 10.51 -0.43
CA LYS B 333 -18.12 10.26 0.14
C LYS B 333 -17.95 9.88 1.60
N ILE B 334 -18.02 10.88 2.48
CA ILE B 334 -18.00 10.63 3.92
C ILE B 334 -19.30 9.92 4.26
N SER B 335 -19.19 8.69 4.77
CA SER B 335 -20.37 7.86 4.98
C SER B 335 -21.29 8.44 6.04
N ARG B 336 -20.72 9.09 7.05
CA ARG B 336 -21.53 9.69 8.11
C ARG B 336 -20.77 10.90 8.65
N VAL B 337 -21.16 12.09 8.23
CA VAL B 337 -20.42 13.30 8.59
C VAL B 337 -20.69 13.62 10.05
N GLU B 338 -19.76 13.23 10.90
CA GLU B 338 -19.79 13.53 12.33
C GLU B 338 -19.19 14.90 12.57
N ALA B 339 -19.06 15.26 13.85
CA ALA B 339 -18.46 16.54 14.19
C ALA B 339 -16.95 16.53 13.94
N GLU B 340 -16.39 15.35 13.68
CA GLU B 340 -14.95 15.23 13.47
C GLU B 340 -14.52 15.50 12.04
N ASP B 341 -15.44 15.53 11.08
CA ASP B 341 -15.08 15.72 9.69
C ASP B 341 -15.22 17.17 9.22
N VAL B 342 -15.51 18.11 10.12
CA VAL B 342 -15.78 19.48 9.70
C VAL B 342 -14.47 20.21 9.40
N GLY B 343 -14.22 20.45 8.13
CA GLY B 343 -13.04 21.17 7.71
C GLY B 343 -12.77 20.97 6.23
N VAL B 344 -12.06 21.95 5.66
CA VAL B 344 -11.87 22.04 4.22
C VAL B 344 -11.14 20.81 3.74
N TYR B 345 -11.74 20.07 2.82
CA TYR B 345 -11.18 18.83 2.32
C TYR B 345 -10.51 19.07 0.97
N TYR B 346 -9.33 19.69 0.99
CA TYR B 346 -8.58 20.01 -0.23
C TYR B 346 -8.25 18.72 -0.95
N CYS B 347 -8.44 18.69 -2.27
CA CYS B 347 -8.22 17.48 -3.04
C CYS B 347 -7.02 17.65 -3.96
N PHE B 348 -5.98 16.86 -3.74
CA PHE B 348 -4.72 17.01 -4.44
C PHE B 348 -4.54 15.90 -5.46
N GLN B 349 -3.89 16.23 -6.57
CA GLN B 349 -3.55 15.28 -7.61
C GLN B 349 -2.12 15.53 -8.07
N GLY B 350 -1.25 14.57 -7.78
CA GLY B 350 0.17 14.75 -8.01
C GLY B 350 0.74 13.87 -9.10
N SER B 351 -0.13 13.20 -9.85
CA SER B 351 0.35 12.40 -10.97
C SER B 351 0.89 13.25 -12.10
N HIS B 352 0.65 14.56 -12.06
CA HIS B 352 1.24 15.49 -13.01
C HIS B 352 2.42 16.20 -12.36
N ILE B 353 3.36 16.64 -13.20
CA ILE B 353 4.65 17.10 -12.69
C ILE B 353 4.51 18.12 -11.57
N PRO B 354 4.00 19.32 -11.80
CA PRO B 354 3.75 20.22 -10.69
C PRO B 354 2.63 19.68 -9.82
N PRO B 355 2.84 19.55 -8.52
CA PRO B 355 1.77 19.04 -7.66
C PRO B 355 0.73 20.10 -7.39
N THR B 356 -0.43 19.97 -8.03
CA THR B 356 -1.49 20.95 -7.94
C THR B 356 -2.74 20.29 -7.39
N PHE B 357 -3.38 20.97 -6.44
CA PHE B 357 -4.56 20.46 -5.77
C PHE B 357 -5.81 21.21 -6.22
N GLY B 358 -6.93 20.87 -5.62
CA GLY B 358 -8.16 21.60 -5.86
C GLY B 358 -8.34 22.72 -4.87
N GLN B 359 -9.48 23.40 -4.98
CA GLN B 359 -9.82 24.43 -4.00
C GLN B 359 -10.42 23.81 -2.74
N GLY B 360 -11.04 22.62 -2.85
CA GLY B 360 -11.52 21.90 -1.71
C GLY B 360 -12.84 22.43 -1.17
N THR B 361 -13.72 21.53 -0.76
CA THR B 361 -15.06 21.89 -0.31
C THR B 361 -15.10 21.93 1.20
N LYS B 362 -15.34 23.10 1.77
CA LYS B 362 -15.35 23.26 3.22
C LYS B 362 -16.62 22.64 3.77
N VAL B 363 -16.61 21.32 3.93
CA VAL B 363 -17.76 20.62 4.48
C VAL B 363 -18.02 21.10 5.90
N GLU B 364 -19.15 21.76 6.11
CA GLU B 364 -19.49 22.33 7.41
C GLU B 364 -20.82 21.77 7.87
N ILE B 365 -21.00 21.75 9.19
CA ILE B 365 -22.22 21.18 9.76
C ILE B 365 -23.44 22.00 9.30
N LYS B 366 -24.62 21.40 9.46
CA LYS B 366 -25.85 22.08 9.09
C LYS B 366 -25.98 23.42 9.83
N SER B 367 -25.65 23.41 11.12
CA SER B 367 -25.74 24.64 11.94
C SER B 367 -27.16 25.23 11.86
N GLY B 368 -28.18 24.37 11.94
CA GLY B 368 -29.58 24.85 11.88
C GLY B 368 -29.85 25.88 12.96
N GLY B 369 -29.58 25.52 14.22
CA GLY B 369 -29.83 26.43 15.36
C GLY B 369 -31.26 26.30 15.86
N GLY B 370 -32.05 25.42 15.24
CA GLY B 370 -33.47 25.25 15.65
C GLY B 370 -33.59 24.81 17.09
N GLY B 371 -32.85 23.76 17.48
CA GLY B 371 -32.87 23.28 18.86
C GLY B 371 -32.07 24.20 19.76
N GLN B 372 -32.53 25.45 19.92
CA GLN B 372 -31.77 26.43 20.70
C GLN B 372 -31.85 26.14 22.20
N VAL B 373 -32.21 24.91 22.56
CA VAL B 373 -32.33 24.53 23.96
C VAL B 373 -30.99 24.74 24.66
N GLN B 374 -30.96 25.66 25.62
CA GLN B 374 -29.73 26.01 26.32
C GLN B 374 -30.07 26.42 27.75
N LEU B 375 -29.12 26.20 28.65
CA LEU B 375 -29.24 26.58 30.05
C LEU B 375 -28.08 27.51 30.39
N VAL B 376 -28.38 28.78 30.66
CA VAL B 376 -27.39 29.79 30.97
C VAL B 376 -27.34 29.95 32.48
N GLN B 377 -26.15 29.78 33.05
CA GLN B 377 -25.95 29.83 34.49
C GLN B 377 -25.37 31.17 34.89
N SER B 378 -25.94 31.76 35.95
CA SER B 378 -25.50 33.06 36.44
C SER B 378 -25.75 33.13 37.94
N GLY B 379 -25.06 34.06 38.59
CA GLY B 379 -25.17 34.24 40.01
C GLY B 379 -24.02 33.68 40.82
N GLY B 380 -22.98 33.16 40.18
CA GLY B 380 -21.83 32.66 40.89
C GLY B 380 -20.89 33.77 41.33
N GLY B 381 -19.85 33.38 42.04
CA GLY B 381 -18.87 34.32 42.54
C GLY B 381 -18.31 33.85 43.86
N VAL B 382 -17.62 34.77 44.54
CA VAL B 382 -17.00 34.51 45.83
C VAL B 382 -17.90 35.08 46.91
N VAL B 383 -18.28 34.23 47.87
CA VAL B 383 -19.13 34.63 48.98
C VAL B 383 -18.49 34.15 50.28
N GLN B 384 -18.78 34.84 51.37
CA GLN B 384 -18.23 34.49 52.66
C GLN B 384 -18.93 33.26 53.22
N PRO B 385 -18.26 32.48 54.08
CA PRO B 385 -18.93 31.34 54.71
C PRO B 385 -20.10 31.80 55.57
N GLY B 386 -21.19 31.04 55.51
CA GLY B 386 -22.41 31.37 56.21
C GLY B 386 -23.34 32.29 55.45
N ARG B 387 -22.87 32.94 54.41
CA ARG B 387 -23.70 33.82 53.59
C ARG B 387 -24.53 32.98 52.61
N SER B 388 -25.51 33.62 51.99
CA SER B 388 -26.43 32.97 51.09
C SER B 388 -26.13 33.37 49.65
N LEU B 389 -26.18 32.39 48.75
CA LEU B 389 -25.98 32.61 47.33
C LEU B 389 -27.20 32.11 46.57
N ARG B 390 -27.68 32.93 45.64
CA ARG B 390 -28.84 32.60 44.82
C ARG B 390 -28.37 32.38 43.39
N LEU B 391 -28.62 31.19 42.87
CA LEU B 391 -28.23 30.84 41.52
C LEU B 391 -29.45 30.85 40.60
N SER B 392 -29.23 31.27 39.35
CA SER B 392 -30.28 31.32 38.35
C SER B 392 -29.81 30.59 37.09
N CYS B 393 -30.73 29.82 36.51
CA CYS B 393 -30.46 29.05 35.29
C CYS B 393 -31.58 29.34 34.30
N LYS B 394 -31.27 30.14 33.27
CA LYS B 394 -32.24 30.54 32.27
C LYS B 394 -32.37 29.45 31.21
N ALA B 395 -33.60 28.99 31.00
CA ALA B 395 -33.88 27.97 30.00
C ALA B 395 -34.61 28.59 28.81
N SER B 396 -34.11 28.31 27.62
CA SER B 396 -34.72 28.79 26.38
C SER B 396 -34.68 27.68 25.34
N GLY B 397 -35.54 27.78 24.34
CA GLY B 397 -35.58 26.82 23.26
C GLY B 397 -36.43 25.60 23.50
N TYR B 398 -37.08 25.50 24.65
CA TYR B 398 -37.93 24.36 24.97
C TYR B 398 -38.94 24.78 26.02
N THR B 399 -39.97 23.95 26.18
CA THR B 399 -41.02 24.21 27.17
C THR B 399 -40.43 24.02 28.55
N PHE B 400 -40.32 25.12 29.31
CA PHE B 400 -39.72 25.06 30.64
C PHE B 400 -40.52 24.16 31.58
N THR B 401 -41.85 24.24 31.52
CA THR B 401 -42.69 23.45 32.40
C THR B 401 -42.74 21.97 32.02
N ARG B 402 -42.40 21.62 30.78
CA ARG B 402 -42.49 20.24 30.32
C ARG B 402 -41.27 19.42 30.69
N TYR B 403 -40.21 20.04 31.21
CA TYR B 403 -38.98 19.34 31.55
C TYR B 403 -38.55 19.73 32.95
N THR B 404 -37.88 18.79 33.63
CA THR B 404 -37.38 19.04 34.96
C THR B 404 -35.94 19.56 34.91
N MET B 405 -35.69 20.64 35.65
CA MET B 405 -34.37 21.24 35.73
C MET B 405 -33.71 20.81 37.04
N HIS B 406 -32.53 20.22 36.94
CA HIS B 406 -31.82 19.66 38.08
C HIS B 406 -30.61 20.51 38.42
N TRP B 407 -30.21 20.45 39.69
CA TRP B 407 -29.03 21.13 40.18
C TRP B 407 -27.99 20.09 40.57
N VAL B 408 -26.79 20.19 39.99
CA VAL B 408 -25.70 19.28 40.24
C VAL B 408 -24.45 20.08 40.55
N ARG B 409 -23.75 19.68 41.62
CA ARG B 409 -22.53 20.34 42.05
C ARG B 409 -21.33 19.46 41.73
N GLN B 410 -20.32 20.05 41.09
CA GLN B 410 -19.09 19.35 40.75
C GLN B 410 -17.95 19.97 41.56
N ALA B 411 -17.55 19.29 42.63
CA ALA B 411 -16.50 19.80 43.49
C ALA B 411 -15.14 19.73 42.80
N PRO B 412 -14.18 20.54 43.23
CA PRO B 412 -12.85 20.50 42.62
C PRO B 412 -12.18 19.16 42.86
N GLY B 413 -11.94 18.45 41.76
CA GLY B 413 -11.31 17.14 41.83
C GLY B 413 -12.24 15.98 42.11
N LYS B 414 -13.54 16.22 42.22
CA LYS B 414 -14.52 15.19 42.49
C LYS B 414 -15.41 14.97 41.29
N GLY B 415 -16.20 13.90 41.36
CA GLY B 415 -17.16 13.59 40.32
C GLY B 415 -18.42 14.41 40.46
N LEU B 416 -19.36 14.16 39.55
CA LEU B 416 -20.64 14.87 39.57
C LEU B 416 -21.47 14.45 40.77
N GLU B 417 -22.06 15.43 41.44
CA GLU B 417 -22.92 15.20 42.60
C GLU B 417 -24.22 15.95 42.40
N TRP B 418 -25.33 15.22 42.40
CA TRP B 418 -26.64 15.85 42.23
C TRP B 418 -27.08 16.51 43.52
N ILE B 419 -27.54 17.76 43.42
CA ILE B 419 -28.02 18.52 44.57
C ILE B 419 -29.53 18.43 44.69
N GLY B 420 -30.25 18.62 43.58
CA GLY B 420 -31.69 18.55 43.61
C GLY B 420 -32.28 19.06 42.32
N TYR B 421 -33.62 19.08 42.29
CA TYR B 421 -34.35 19.51 41.12
C TYR B 421 -35.70 20.07 41.55
N ILE B 422 -36.32 20.85 40.66
CA ILE B 422 -37.65 21.39 40.87
C ILE B 422 -38.43 21.26 39.58
N ASN B 423 -39.69 20.79 39.68
CA ASN B 423 -40.53 20.59 38.52
C ASN B 423 -41.22 21.90 38.18
N PRO B 424 -40.92 22.53 37.03
CA PRO B 424 -41.56 23.83 36.73
C PRO B 424 -43.06 23.76 36.58
N SER B 425 -43.60 22.64 36.08
CA SER B 425 -45.05 22.57 35.85
C SER B 425 -45.82 22.45 37.16
N ARG B 426 -45.33 21.61 38.08
CA ARG B 426 -46.04 21.35 39.33
C ARG B 426 -45.43 22.04 40.54
N GLY B 427 -44.19 22.52 40.44
CA GLY B 427 -43.53 23.11 41.59
C GLY B 427 -42.91 22.12 42.54
N TYR B 428 -43.05 20.82 42.27
CA TYR B 428 -42.48 19.80 43.15
C TYR B 428 -40.96 19.85 43.10
N THR B 429 -40.34 19.85 44.28
CA THR B 429 -38.88 19.92 44.39
C THR B 429 -38.37 18.77 45.23
N ASN B 430 -37.24 18.21 44.81
CA ASN B 430 -36.55 17.16 45.54
C ASN B 430 -35.10 17.58 45.70
N TYR B 431 -34.53 17.32 46.88
CA TYR B 431 -33.17 17.71 47.18
C TYR B 431 -32.43 16.56 47.86
N ASN B 432 -31.12 16.54 47.67
CA ASN B 432 -30.28 15.55 48.34
C ASN B 432 -30.24 15.85 49.84
N GLN B 433 -30.22 14.81 50.66
CA GLN B 433 -30.27 14.98 52.11
C GLN B 433 -29.11 15.80 52.63
N LYS B 434 -27.98 15.82 51.91
CA LYS B 434 -26.84 16.61 52.33
C LYS B 434 -27.13 18.10 52.26
N VAL B 435 -27.86 18.54 51.23
CA VAL B 435 -28.15 19.95 51.03
C VAL B 435 -29.64 20.25 51.02
N LYS B 436 -30.50 19.31 51.41
CA LYS B 436 -31.93 19.57 51.45
C LYS B 436 -32.27 20.68 52.44
N ASP B 437 -31.54 20.78 53.54
CA ASP B 437 -31.77 21.78 54.56
C ASP B 437 -31.01 23.07 54.32
N ARG B 438 -30.18 23.13 53.28
CA ARG B 438 -29.40 24.32 52.97
C ARG B 438 -29.63 24.85 51.55
N PHE B 439 -30.00 24.00 50.61
CA PHE B 439 -30.25 24.43 49.23
C PHE B 439 -31.74 24.35 48.92
N THR B 440 -32.25 25.41 48.29
CA THR B 440 -33.66 25.51 47.95
C THR B 440 -33.80 25.63 46.44
N ILE B 441 -34.65 24.80 45.86
CA ILE B 441 -34.89 24.79 44.43
C ILE B 441 -36.20 25.50 44.15
N SER B 442 -36.13 26.57 43.36
CA SER B 442 -37.29 27.36 42.97
C SER B 442 -37.28 27.55 41.46
N ARG B 443 -38.46 27.83 40.91
CA ARG B 443 -38.60 27.98 39.47
C ARG B 443 -39.48 29.19 39.17
N ASP B 444 -39.17 29.85 38.06
CA ASP B 444 -39.94 30.99 37.57
C ASP B 444 -40.41 30.65 36.16
N ASN B 445 -41.64 30.15 36.04
CA ASN B 445 -42.16 29.76 34.74
C ASN B 445 -42.32 30.95 33.81
N SER B 446 -42.56 32.15 34.37
CA SER B 446 -42.68 33.33 33.55
C SER B 446 -41.39 33.70 32.84
N LYS B 447 -40.24 33.52 33.51
CA LYS B 447 -38.94 33.78 32.90
C LYS B 447 -38.26 32.51 32.41
N ASN B 448 -38.91 31.36 32.53
CA ASN B 448 -38.35 30.07 32.11
C ASN B 448 -36.98 29.85 32.74
N THR B 449 -36.86 30.18 34.02
CA THR B 449 -35.61 30.08 34.75
C THR B 449 -35.85 29.43 36.09
N ALA B 450 -34.94 28.55 36.50
CA ALA B 450 -34.99 27.90 37.80
C ALA B 450 -33.99 28.56 38.74
N PHE B 451 -34.39 28.71 40.00
CA PHE B 451 -33.59 29.37 41.02
C PHE B 451 -33.13 28.36 42.05
N LEU B 452 -31.83 28.34 42.32
CA LEU B 452 -31.22 27.47 43.32
C LEU B 452 -30.71 28.35 44.45
N GLN B 453 -31.51 28.47 45.51
CA GLN B 453 -31.16 29.31 46.65
C GLN B 453 -30.35 28.49 47.64
N MET B 454 -29.05 28.78 47.72
CA MET B 454 -28.14 28.12 48.65
C MET B 454 -27.96 29.03 49.86
N ASP B 455 -28.42 28.57 51.01
CA ASP B 455 -28.36 29.35 52.24
C ASP B 455 -27.33 28.75 53.19
N SER B 456 -26.67 29.62 53.95
CA SER B 456 -25.61 29.24 54.88
C SER B 456 -24.52 28.45 54.15
N LEU B 457 -24.00 29.06 53.09
CA LEU B 457 -22.95 28.43 52.31
C LEU B 457 -21.70 28.22 53.15
N ARG B 458 -21.14 27.01 53.07
CA ARG B 458 -19.95 26.64 53.82
C ARG B 458 -18.78 26.43 52.87
N PRO B 459 -17.56 26.36 53.40
CA PRO B 459 -16.39 26.13 52.52
C PRO B 459 -16.50 24.87 51.70
N GLU B 460 -17.15 23.83 52.22
CA GLU B 460 -17.34 22.61 51.45
C GLU B 460 -18.32 22.80 50.30
N ASP B 461 -19.12 23.87 50.34
CA ASP B 461 -20.07 24.15 49.26
C ASP B 461 -19.43 24.80 48.05
N THR B 462 -18.14 25.12 48.13
CA THR B 462 -17.45 25.73 46.99
C THR B 462 -17.27 24.69 45.89
N GLY B 463 -17.69 25.05 44.68
CA GLY B 463 -17.58 24.13 43.55
C GLY B 463 -18.34 24.66 42.36
N VAL B 464 -18.35 23.84 41.31
CA VAL B 464 -19.01 24.17 40.05
C VAL B 464 -20.42 23.60 40.07
N TYR B 465 -21.42 24.46 39.96
CA TYR B 465 -22.82 24.05 39.93
C TYR B 465 -23.37 24.27 38.53
N PHE B 466 -23.80 23.19 37.89
CA PHE B 466 -24.36 23.23 36.54
C PHE B 466 -25.79 22.71 36.56
N CYS B 467 -26.68 23.41 35.87
CA CYS B 467 -28.08 23.04 35.79
C CYS B 467 -28.33 22.18 34.56
N ALA B 468 -29.00 21.05 34.76
CA ALA B 468 -29.23 20.10 33.69
C ALA B 468 -30.71 19.87 33.51
N ARG B 469 -31.17 19.97 32.26
CA ARG B 469 -32.55 19.67 31.91
C ARG B 469 -32.70 18.18 31.67
N TYR B 470 -33.65 17.56 32.38
CA TYR B 470 -33.82 16.12 32.39
C TYR B 470 -34.91 15.73 31.41
N TYR B 471 -34.61 14.76 30.55
CA TYR B 471 -35.57 14.21 29.60
C TYR B 471 -36.13 12.92 30.20
N ASP B 472 -37.38 12.98 30.66
CA ASP B 472 -38.00 11.81 31.28
C ASP B 472 -38.15 10.66 30.29
N ASP B 473 -38.54 10.98 29.04
CA ASP B 473 -38.68 9.94 28.03
C ASP B 473 -37.36 9.27 27.71
N HIS B 474 -36.26 10.00 27.76
CA HIS B 474 -34.92 9.44 27.60
C HIS B 474 -34.31 9.03 28.93
N TYR B 475 -34.95 9.36 30.05
CA TYR B 475 -34.43 9.04 31.39
C TYR B 475 -33.01 9.55 31.56
N SER B 476 -32.74 10.73 31.02
CA SER B 476 -31.40 11.31 31.04
C SER B 476 -31.50 12.82 31.02
N LEU B 477 -30.57 13.47 31.72
CA LEU B 477 -30.44 14.92 31.67
C LEU B 477 -29.70 15.30 30.40
N ASP B 478 -30.43 15.54 29.32
CA ASP B 478 -29.85 15.74 28.00
C ASP B 478 -29.16 17.09 27.85
N TYR B 479 -29.75 18.15 28.37
CA TYR B 479 -29.19 19.50 28.25
C TYR B 479 -28.71 19.96 29.61
N TRP B 480 -27.42 20.31 29.68
CA TRP B 480 -26.79 20.74 30.93
C TRP B 480 -26.21 22.14 30.75
N GLY B 481 -26.35 22.95 31.82
CA GLY B 481 -25.87 24.31 31.76
C GLY B 481 -24.36 24.40 31.78
N GLN B 482 -23.86 25.61 31.51
CA GLN B 482 -22.43 25.86 31.47
C GLN B 482 -21.76 25.73 32.84
N GLY B 483 -22.52 25.81 33.91
CA GLY B 483 -21.94 25.72 35.24
C GLY B 483 -21.47 27.06 35.77
N THR B 484 -21.75 27.29 37.05
CA THR B 484 -21.40 28.54 37.71
C THR B 484 -20.47 28.25 38.88
N PRO B 485 -19.23 28.71 38.86
CA PRO B 485 -18.33 28.46 39.99
C PRO B 485 -18.65 29.37 41.16
N VAL B 486 -18.76 28.77 42.34
CA VAL B 486 -19.02 29.48 43.58
C VAL B 486 -17.90 29.12 44.56
N THR B 487 -17.27 30.14 45.14
CA THR B 487 -16.18 29.95 46.09
C THR B 487 -16.59 30.52 47.44
N VAL B 488 -16.57 29.70 48.47
CA VAL B 488 -16.87 30.12 49.83
C VAL B 488 -15.53 30.36 50.53
N SER B 489 -15.09 31.61 50.55
CA SER B 489 -13.82 31.98 51.15
C SER B 489 -14.02 33.17 52.06
N SER B 490 -13.26 33.20 53.16
CA SER B 490 -13.34 34.28 54.13
C SER B 490 -12.64 35.54 53.60
N MET C 1 -48.64 0.64 30.63
CA MET C 1 -50.05 0.29 30.42
C MET C 1 -50.18 -0.83 29.41
N GLN C 2 -50.00 -0.50 28.13
CA GLN C 2 -50.14 -1.50 27.08
C GLN C 2 -48.93 -2.44 27.04
N SER C 3 -47.74 -1.93 27.31
CA SER C 3 -46.52 -2.73 27.23
C SER C 3 -46.36 -3.57 28.50
N ILE C 4 -45.82 -4.78 28.30
CA ILE C 4 -45.53 -5.67 29.43
C ILE C 4 -44.09 -5.52 29.92
N LYS C 5 -43.30 -4.62 29.33
CA LYS C 5 -41.96 -4.37 29.83
C LYS C 5 -42.02 -3.85 31.26
N GLY C 6 -41.05 -4.27 32.06
CA GLY C 6 -41.08 -4.02 33.48
C GLY C 6 -41.80 -5.08 34.29
N ASN C 7 -41.92 -6.29 33.75
CA ASN C 7 -42.59 -7.41 34.43
C ASN C 7 -44.08 -7.16 34.64
N HIS C 8 -44.67 -6.26 33.85
CA HIS C 8 -46.10 -5.97 33.93
C HIS C 8 -46.86 -6.88 32.95
N LEU C 9 -46.69 -8.18 33.15
CA LEU C 9 -47.31 -9.16 32.26
C LEU C 9 -48.81 -9.30 32.50
N VAL C 10 -49.30 -8.90 33.67
CA VAL C 10 -50.72 -8.99 33.98
C VAL C 10 -51.45 -7.83 33.31
N LYS C 11 -52.39 -8.16 32.43
CA LYS C 11 -53.16 -7.17 31.69
C LYS C 11 -54.63 -7.55 31.70
N VAL C 12 -55.48 -6.54 31.59
CA VAL C 12 -56.92 -6.73 31.56
C VAL C 12 -57.38 -6.77 30.11
N TYR C 13 -58.11 -7.83 29.75
CA TYR C 13 -58.60 -8.00 28.39
C TYR C 13 -59.83 -7.12 28.19
N ASP C 14 -59.66 -6.01 27.47
CA ASP C 14 -60.76 -5.08 27.24
C ASP C 14 -61.43 -5.41 25.90
N TYR C 15 -61.79 -6.67 25.76
CA TYR C 15 -62.52 -7.16 24.59
C TYR C 15 -63.66 -8.08 25.01
N GLN C 16 -64.36 -7.72 26.08
CA GLN C 16 -65.41 -8.54 26.63
C GLN C 16 -66.77 -8.06 26.15
N GLU C 17 -67.55 -8.99 25.57
CA GLU C 17 -68.90 -8.66 25.16
C GLU C 17 -69.81 -8.45 26.37
N ASP C 18 -69.61 -9.22 27.43
CA ASP C 18 -70.34 -9.06 28.67
C ASP C 18 -69.51 -8.24 29.65
N GLY C 19 -70.16 -7.81 30.73
CA GLY C 19 -69.49 -7.00 31.73
C GLY C 19 -68.60 -7.80 32.65
N SER C 20 -67.75 -8.65 32.09
CA SER C 20 -66.85 -9.50 32.85
C SER C 20 -65.42 -9.00 32.70
N VAL C 21 -64.63 -9.15 33.77
CA VAL C 21 -63.24 -8.73 33.78
C VAL C 21 -62.37 -9.94 33.53
N LEU C 22 -61.58 -9.91 32.45
CA LEU C 22 -60.68 -10.99 32.11
C LEU C 22 -59.24 -10.51 32.22
N LEU C 23 -58.42 -11.27 32.95
CA LEU C 23 -57.02 -10.95 33.15
C LEU C 23 -56.15 -11.83 32.27
N THR C 24 -55.17 -11.20 31.62
CA THR C 24 -54.29 -11.88 30.67
C THR C 24 -52.87 -11.90 31.22
N CYS C 25 -52.15 -12.97 30.92
CA CYS C 25 -50.77 -13.16 31.36
C CYS C 25 -49.86 -13.18 30.14
N ASP C 26 -48.86 -12.30 30.14
CA ASP C 26 -47.92 -12.19 29.02
C ASP C 26 -46.64 -12.95 29.38
N ALA C 27 -46.71 -14.27 29.22
CA ALA C 27 -45.59 -15.15 29.50
C ALA C 27 -45.58 -16.29 28.49
N GLU C 28 -44.43 -16.95 28.38
CA GLU C 28 -44.30 -18.12 27.51
C GLU C 28 -45.29 -19.19 27.91
N ALA C 29 -46.24 -19.50 27.02
CA ALA C 29 -47.37 -20.36 27.40
C ALA C 29 -46.95 -21.81 27.56
N LYS C 30 -46.71 -22.23 28.80
CA LYS C 30 -46.56 -23.64 29.14
C LYS C 30 -47.62 -24.03 30.14
N ASN C 31 -47.72 -23.25 31.23
CA ASN C 31 -48.76 -23.42 32.24
C ASN C 31 -48.86 -22.10 32.99
N ILE C 32 -50.07 -21.55 33.07
CA ILE C 32 -50.28 -20.23 33.67
C ILE C 32 -50.79 -20.41 35.09
N THR C 33 -50.12 -19.76 36.04
CA THR C 33 -50.53 -19.74 37.44
C THR C 33 -50.86 -18.32 37.83
N TRP C 34 -52.09 -18.10 38.27
CA TRP C 34 -52.57 -16.76 38.63
C TRP C 34 -52.58 -16.59 40.14
N PHE C 35 -52.22 -15.39 40.58
CA PHE C 35 -52.18 -15.06 42.00
C PHE C 35 -53.00 -13.80 42.26
N LYS C 36 -53.58 -13.74 43.46
CA LYS C 36 -54.39 -12.60 43.88
C LYS C 36 -54.04 -12.28 45.32
N ASP C 37 -53.52 -11.07 45.54
CA ASP C 37 -53.09 -10.61 46.87
C ASP C 37 -52.08 -11.59 47.49
N GLY C 38 -51.21 -12.14 46.65
CA GLY C 38 -50.16 -13.02 47.08
C GLY C 38 -50.54 -14.50 47.12
N LYS C 39 -51.84 -14.80 47.14
CA LYS C 39 -52.30 -16.18 47.18
C LYS C 39 -52.65 -16.66 45.79
N MET C 40 -52.24 -17.89 45.48
CA MET C 40 -52.55 -18.47 44.18
C MET C 40 -54.05 -18.70 44.04
N ILE C 41 -54.60 -18.26 42.91
CA ILE C 41 -56.03 -18.33 42.65
C ILE C 41 -56.38 -19.35 41.59
N GLY C 42 -55.40 -19.92 40.90
CA GLY C 42 -55.68 -20.91 39.89
C GLY C 42 -54.39 -21.33 39.19
N PHE C 43 -54.47 -22.48 38.53
CA PHE C 43 -53.36 -23.02 37.77
C PHE C 43 -53.90 -23.52 36.43
N LEU C 44 -53.59 -22.80 35.36
CA LEU C 44 -54.07 -23.14 34.02
C LEU C 44 -53.03 -24.03 33.35
N THR C 45 -53.38 -25.30 33.15
CA THR C 45 -52.49 -26.26 32.50
C THR C 45 -52.84 -26.29 31.01
N GLU C 46 -52.06 -25.55 30.22
CA GLU C 46 -52.27 -25.42 28.77
C GLU C 46 -53.70 -24.90 28.54
N ASP C 47 -54.29 -25.26 27.39
CA ASP C 47 -55.63 -24.82 27.01
C ASP C 47 -55.82 -23.32 27.22
N LYS C 48 -56.72 -22.95 28.12
CA LYS C 48 -57.01 -21.55 28.38
C LYS C 48 -55.89 -20.90 29.20
N LYS C 49 -55.75 -19.59 29.04
CA LYS C 49 -54.75 -18.84 29.78
C LYS C 49 -55.28 -17.58 30.44
N LYS C 50 -56.39 -17.01 29.99
CA LYS C 50 -56.93 -15.80 30.59
C LYS C 50 -57.59 -16.12 31.92
N TRP C 51 -57.44 -15.19 32.87
CA TRP C 51 -58.03 -15.32 34.20
C TRP C 51 -59.29 -14.48 34.26
N ASN C 52 -60.42 -15.13 34.52
CA ASN C 52 -61.70 -14.44 34.60
C ASN C 52 -61.97 -14.00 36.04
N LEU C 53 -62.19 -12.70 36.22
CA LEU C 53 -62.44 -12.12 37.53
C LEU C 53 -63.91 -12.00 37.85
N GLY C 54 -64.79 -12.49 36.98
CA GLY C 54 -66.22 -12.36 37.19
C GLY C 54 -66.77 -11.09 36.58
N SER C 55 -68.06 -10.87 36.84
CA SER C 55 -68.74 -9.69 36.33
C SER C 55 -68.14 -8.42 36.92
N ASN C 56 -67.97 -7.40 36.07
CA ASN C 56 -67.46 -6.12 36.54
C ASN C 56 -68.41 -5.41 37.48
N ALA C 57 -69.70 -5.77 37.46
CA ALA C 57 -70.64 -5.19 38.42
C ALA C 57 -70.35 -5.65 39.85
N LYS C 58 -69.53 -6.69 40.02
CA LYS C 58 -69.13 -7.16 41.33
C LYS C 58 -67.92 -6.40 41.87
N ASP C 59 -67.40 -5.43 41.12
CA ASP C 59 -66.28 -4.59 41.54
C ASP C 59 -65.05 -5.42 41.90
N PRO C 60 -64.49 -6.15 40.93
CA PRO C 60 -63.26 -6.90 41.21
C PRO C 60 -62.11 -5.96 41.54
N ARG C 61 -61.29 -6.37 42.51
CA ARG C 61 -60.16 -5.56 42.96
C ARG C 61 -59.12 -6.45 43.59
N GLY C 62 -57.89 -5.97 43.61
CA GLY C 62 -56.79 -6.69 44.24
C GLY C 62 -55.54 -6.59 43.41
N MET C 63 -54.43 -7.02 44.01
CA MET C 63 -53.13 -7.05 43.35
C MET C 63 -53.00 -8.42 42.70
N TYR C 64 -53.21 -8.48 41.38
CA TYR C 64 -53.20 -9.72 40.62
C TYR C 64 -51.89 -9.86 39.87
N GLN C 65 -51.33 -11.06 39.92
CA GLN C 65 -50.08 -11.36 39.21
C GLN C 65 -50.12 -12.79 38.72
N CYS C 66 -49.38 -13.06 37.65
CA CYS C 66 -49.31 -14.37 37.04
C CYS C 66 -47.86 -14.85 37.03
N LYS C 67 -47.68 -16.12 36.66
CA LYS C 67 -46.35 -16.72 36.60
C LYS C 67 -46.39 -17.94 35.70
N GLY C 68 -45.54 -17.96 34.68
CA GLY C 68 -45.40 -19.11 33.82
C GLY C 68 -44.20 -19.96 34.20
N SER C 69 -43.29 -20.17 33.26
CA SER C 69 -42.06 -20.88 33.57
C SER C 69 -41.06 -20.01 34.31
N GLN C 70 -41.18 -18.69 34.20
CA GLN C 70 -40.32 -17.76 34.91
C GLN C 70 -40.94 -17.38 36.24
N ASN C 71 -40.37 -16.38 36.91
CA ASN C 71 -40.88 -15.92 38.19
C ASN C 71 -42.15 -15.10 37.99
N LYS C 72 -42.84 -14.85 39.09
CA LYS C 72 -44.11 -14.13 39.04
C LYS C 72 -43.90 -12.71 38.51
N SER C 73 -44.88 -12.26 37.72
CA SER C 73 -44.84 -10.90 37.17
C SER C 73 -45.25 -9.89 38.24
N LYS C 74 -45.07 -8.61 37.89
CA LYS C 74 -45.42 -7.54 38.81
C LYS C 74 -46.92 -7.50 39.04
N PRO C 75 -47.35 -7.04 40.22
CA PRO C 75 -48.78 -7.02 40.53
C PRO C 75 -49.52 -6.00 39.68
N LEU C 76 -50.80 -6.28 39.45
CA LEU C 76 -51.70 -5.40 38.71
C LEU C 76 -52.80 -4.95 39.66
N GLN C 77 -52.70 -3.72 40.16
CA GLN C 77 -53.66 -3.21 41.13
C GLN C 77 -54.99 -2.97 40.43
N VAL C 78 -55.92 -3.91 40.57
CA VAL C 78 -57.23 -3.83 39.97
C VAL C 78 -58.15 -3.06 40.91
N TYR C 79 -58.95 -2.14 40.36
CA TYR C 79 -59.89 -1.34 41.13
C TYR C 79 -61.09 -1.05 40.25
N TYR C 80 -62.19 -1.75 40.51
CA TYR C 80 -63.43 -1.56 39.77
C TYR C 80 -64.52 -1.04 40.70
N ARG C 81 -65.34 -0.11 40.19
CA ARG C 81 -66.45 0.45 40.96
C ARG C 81 -67.57 0.78 39.98
N MET C 82 -68.51 -0.16 39.86
CA MET C 82 -69.64 0.01 38.94
C MET C 82 -70.93 0.31 39.70
N GLN C 119 -47.09 -5.25 49.54
CA GLN C 119 -46.84 -4.09 48.70
C GLN C 119 -47.99 -3.09 48.79
N THR C 120 -47.66 -1.83 49.06
CA THR C 120 -48.67 -0.79 49.16
C THR C 120 -49.29 -0.53 47.79
N PRO C 121 -50.60 -0.63 47.65
CA PRO C 121 -51.25 -0.35 46.37
C PRO C 121 -51.69 1.11 46.28
N TYR C 122 -52.00 1.52 45.06
CA TYR C 122 -52.50 2.87 44.85
C TYR C 122 -53.86 3.05 45.53
N LYS C 123 -54.01 4.15 46.24
CA LYS C 123 -55.23 4.44 46.98
C LYS C 123 -56.20 5.19 46.07
N VAL C 124 -57.44 4.72 46.01
CA VAL C 124 -58.48 5.29 45.17
C VAL C 124 -59.58 5.82 46.07
N SER C 125 -59.95 7.09 45.86
CA SER C 125 -61.01 7.73 46.62
C SER C 125 -62.02 8.33 45.65
N ILE C 126 -63.30 8.04 45.85
CA ILE C 126 -64.37 8.54 45.01
C ILE C 126 -65.30 9.38 45.86
N SER C 127 -65.50 10.64 45.47
CA SER C 127 -66.39 11.56 46.16
C SER C 127 -67.27 12.23 45.11
N GLY C 128 -68.49 11.71 44.95
CA GLY C 128 -69.39 12.22 43.94
C GLY C 128 -68.90 11.88 42.53
N THR C 129 -68.48 12.90 41.79
CA THR C 129 -67.93 12.72 40.45
C THR C 129 -66.43 12.90 40.41
N THR C 130 -65.76 13.00 41.56
CA THR C 130 -64.33 13.22 41.64
C THR C 130 -63.65 11.93 42.10
N VAL C 131 -62.59 11.55 41.38
CA VAL C 131 -61.80 10.37 41.68
C VAL C 131 -60.40 10.82 42.08
N ILE C 132 -59.94 10.37 43.24
CA ILE C 132 -58.64 10.74 43.78
C ILE C 132 -57.75 9.51 43.83
N LEU C 133 -56.58 9.61 43.22
CA LEU C 133 -55.60 8.54 43.22
C LEU C 133 -54.35 8.97 43.97
N THR C 134 -53.92 8.14 44.92
CA THR C 134 -52.77 8.43 45.76
C THR C 134 -51.63 7.51 45.36
N CYS C 135 -50.47 8.10 45.07
CA CYS C 135 -49.31 7.31 44.69
C CYS C 135 -48.84 6.48 45.88
N PRO C 136 -48.67 5.17 45.72
CA PRO C 136 -48.21 4.36 46.86
C PRO C 136 -46.85 4.78 47.39
N GLN C 137 -45.96 5.25 46.53
CA GLN C 137 -44.62 5.68 46.92
C GLN C 137 -44.56 7.20 46.78
N TYR C 138 -44.37 7.89 47.91
CA TYR C 138 -44.25 9.34 47.97
C TYR C 138 -43.01 9.70 48.76
N PRO C 139 -41.81 9.52 48.18
CA PRO C 139 -40.58 9.79 48.92
C PRO C 139 -40.27 11.28 49.06
N GLY C 140 -41.17 12.12 48.55
CA GLY C 140 -40.96 13.55 48.56
C GLY C 140 -40.36 14.12 47.29
N SER C 141 -40.02 13.28 46.31
CA SER C 141 -39.52 13.74 45.03
C SER C 141 -40.68 14.18 44.14
N GLU C 142 -40.33 14.77 43.00
CA GLU C 142 -41.34 15.19 42.03
C GLU C 142 -42.04 13.97 41.44
N ILE C 143 -43.28 13.72 41.85
CA ILE C 143 -44.02 12.54 41.43
C ILE C 143 -44.79 12.87 40.17
N LEU C 144 -44.67 12.01 39.16
CA LEU C 144 -45.35 12.17 37.90
C LEU C 144 -46.42 11.10 37.74
N TRP C 145 -47.51 11.46 37.06
CA TRP C 145 -48.63 10.57 36.84
C TRP C 145 -48.86 10.40 35.35
N GLN C 146 -49.26 9.18 34.98
CA GLN C 146 -49.52 8.84 33.59
C GLN C 146 -50.79 7.99 33.51
N HIS C 147 -51.61 8.27 32.51
CA HIS C 147 -52.86 7.55 32.29
C HIS C 147 -52.82 6.90 30.91
N ASN C 148 -52.81 5.57 30.89
CA ASN C 148 -52.73 4.79 29.67
C ASN C 148 -51.58 5.27 28.78
N ASP C 149 -50.38 5.28 29.37
CA ASP C 149 -49.16 5.72 28.70
C ASP C 149 -49.28 7.15 28.18
N LYS C 150 -49.95 8.01 28.94
CA LYS C 150 -50.08 9.42 28.60
C LYS C 150 -49.91 10.24 29.86
N ASN C 151 -48.96 11.18 29.84
CA ASN C 151 -48.68 12.00 31.01
C ASN C 151 -49.90 12.84 31.38
N ILE C 152 -50.13 12.97 32.68
CA ILE C 152 -51.29 13.69 33.20
C ILE C 152 -50.92 14.29 34.56
N GLY C 153 -51.58 15.39 34.90
CA GLY C 153 -51.36 16.05 36.16
C GLY C 153 -50.22 17.05 36.19
N GLY C 154 -49.58 17.31 35.06
CA GLY C 154 -48.48 18.26 35.01
C GLY C 154 -48.92 19.68 34.68
N ASP C 155 -49.66 19.84 33.60
CA ASP C 155 -50.09 21.16 33.18
C ASP C 155 -51.22 21.67 34.08
N GLU C 156 -51.21 22.97 34.34
CA GLU C 156 -52.23 23.60 35.16
C GLU C 156 -53.47 24.00 34.35
N ASP C 157 -53.47 23.80 33.04
CA ASP C 157 -54.58 24.18 32.18
C ASP C 157 -55.76 23.22 32.27
N ASP C 158 -55.74 22.21 33.15
CA ASP C 158 -56.85 21.27 33.29
C ASP C 158 -57.45 21.44 34.67
N LYS C 159 -58.65 22.01 34.73
CA LYS C 159 -59.32 22.21 36.02
C LYS C 159 -59.81 20.91 36.61
N ASN C 160 -60.12 19.92 35.78
CA ASN C 160 -60.64 18.64 36.22
C ASN C 160 -59.55 17.62 36.54
N ILE C 161 -58.28 18.00 36.37
CA ILE C 161 -57.17 17.11 36.67
C ILE C 161 -56.10 17.88 37.40
N GLY C 162 -56.00 17.67 38.72
CA GLY C 162 -55.02 18.35 39.53
C GLY C 162 -54.12 17.36 40.26
N SER C 163 -52.86 17.73 40.40
CA SER C 163 -51.88 16.93 41.11
C SER C 163 -51.38 17.71 42.33
N ASP C 164 -51.54 17.11 43.51
CA ASP C 164 -51.12 17.73 44.77
C ASP C 164 -50.28 16.70 45.52
N GLU C 165 -48.96 16.88 45.48
CA GLU C 165 -48.00 15.99 46.12
C GLU C 165 -48.18 14.60 45.51
N ASP C 166 -48.48 13.56 46.28
CA ASP C 166 -48.65 12.21 45.75
C ASP C 166 -50.12 11.87 45.48
N HIS C 167 -50.98 12.88 45.35
CA HIS C 167 -52.41 12.67 45.12
C HIS C 167 -52.78 13.19 43.75
N LEU C 168 -53.43 12.34 42.96
CA LEU C 168 -53.93 12.70 41.64
C LEU C 168 -55.45 12.76 41.71
N SER C 169 -56.00 13.94 41.39
CA SER C 169 -57.43 14.18 41.49
C SER C 169 -58.02 14.30 40.08
N LEU C 170 -59.14 13.60 39.86
CA LEU C 170 -59.83 13.61 38.57
C LEU C 170 -61.28 14.02 38.82
N LYS C 171 -61.59 15.28 38.57
CA LYS C 171 -62.94 15.80 38.73
C LYS C 171 -63.78 15.51 37.49
N GLU C 172 -65.07 15.27 37.70
CA GLU C 172 -66.00 14.92 36.63
C GLU C 172 -65.48 13.71 35.85
N PHE C 173 -65.09 12.68 36.59
CA PHE C 173 -64.49 11.49 35.99
C PHE C 173 -65.43 10.85 34.99
N SER C 174 -64.89 10.51 33.82
CA SER C 174 -65.65 9.84 32.76
C SER C 174 -65.33 8.35 32.82
N GLU C 175 -66.37 7.54 33.02
CA GLU C 175 -66.16 6.10 33.15
C GLU C 175 -65.54 5.50 31.90
N LEU C 176 -66.02 5.92 30.73
CA LEU C 176 -65.50 5.39 29.47
C LEU C 176 -64.16 6.01 29.08
N GLU C 177 -63.86 7.23 29.53
CA GLU C 177 -62.67 7.94 29.08
C GLU C 177 -61.54 7.94 30.09
N GLN C 178 -61.84 8.01 31.39
CA GLN C 178 -60.82 8.09 32.42
C GLN C 178 -60.42 6.72 32.97
N SER C 179 -61.04 5.64 32.49
CA SER C 179 -60.69 4.30 32.95
C SER C 179 -59.53 3.75 32.13
N GLY C 180 -58.80 2.82 32.73
CA GLY C 180 -57.67 2.18 32.10
C GLY C 180 -56.57 1.93 33.12
N TYR C 181 -55.35 1.85 32.62
CA TYR C 181 -54.18 1.62 33.47
C TYR C 181 -53.59 2.94 33.93
N TYR C 182 -53.21 3.00 35.20
CA TYR C 182 -52.60 4.19 35.79
C TYR C 182 -51.37 3.79 36.59
N VAL C 183 -50.37 4.67 36.60
CA VAL C 183 -49.13 4.41 37.32
C VAL C 183 -48.51 5.75 37.68
N CYS C 184 -47.83 5.80 38.82
CA CYS C 184 -47.12 6.98 39.29
C CYS C 184 -45.64 6.66 39.45
N TYR C 185 -44.80 7.58 39.00
CA TYR C 185 -43.36 7.41 39.09
C TYR C 185 -42.73 8.76 39.38
N PRO C 186 -41.62 8.80 40.12
CA PRO C 186 -40.94 10.07 40.38
C PRO C 186 -40.27 10.61 39.12
N ARG C 187 -40.14 11.93 39.07
CA ARG C 187 -39.45 12.57 37.95
C ARG C 187 -38.04 12.02 37.83
N GLY C 188 -37.66 11.67 36.60
CA GLY C 188 -36.39 11.05 36.30
C GLY C 188 -36.43 9.53 36.31
N SER C 189 -37.53 8.95 36.79
CA SER C 189 -37.69 7.50 36.81
C SER C 189 -38.67 7.06 35.72
N LYS C 190 -38.44 5.85 35.21
CA LYS C 190 -39.32 5.33 34.17
C LYS C 190 -40.60 4.80 34.77
N PRO C 191 -41.76 5.08 34.14
CA PRO C 191 -43.02 4.51 34.65
C PRO C 191 -43.01 2.99 34.66
N GLU C 192 -42.30 2.36 33.72
CA GLU C 192 -42.19 0.91 33.71
C GLU C 192 -41.47 0.38 34.95
N ASP C 193 -40.72 1.22 35.64
CA ASP C 193 -40.02 0.83 36.85
C ASP C 193 -40.92 0.88 38.09
N ALA C 194 -42.17 1.32 37.93
CA ALA C 194 -43.10 1.32 39.05
C ALA C 194 -43.38 -0.10 39.52
N ASN C 195 -43.53 -0.25 40.83
CA ASN C 195 -43.71 -1.59 41.40
C ASN C 195 -44.99 -2.25 40.91
N PHE C 196 -46.03 -1.46 40.65
CA PHE C 196 -47.29 -2.01 40.18
C PHE C 196 -48.13 -0.94 39.49
N TYR C 197 -48.88 -1.33 38.47
CA TYR C 197 -49.79 -0.44 37.78
C TYR C 197 -51.20 -0.60 38.33
N LEU C 198 -51.97 0.48 38.26
CA LEU C 198 -53.33 0.50 38.77
C LEU C 198 -54.32 0.48 37.61
N TYR C 199 -55.17 -0.54 37.58
CA TYR C 199 -56.21 -0.68 36.57
C TYR C 199 -57.53 -0.22 37.20
N LEU C 200 -58.01 0.93 36.73
CA LEU C 200 -59.20 1.55 37.29
C LEU C 200 -60.34 1.51 36.28
N ARG C 201 -61.51 1.05 36.73
CA ARG C 201 -62.73 1.08 35.93
C ARG C 201 -63.87 1.45 36.88
N ALA C 202 -64.23 2.74 36.90
CA ALA C 202 -65.19 3.22 37.88
C ALA C 202 -66.29 4.00 37.17
N ARG C 203 -67.53 3.75 37.56
CA ARG C 203 -68.69 4.45 37.02
C ARG C 203 -69.13 5.52 38.02
N VAL C 204 -69.00 6.78 37.63
CA VAL C 204 -69.37 7.89 38.50
C VAL C 204 -70.43 8.75 37.84
#